data_3URB
#
_entry.id   3URB
#
_cell.length_a   85.468
_cell.length_b   86.396
_cell.length_c   88.118
_cell.angle_alpha   90.00
_cell.angle_beta   90.00
_cell.angle_gamma   90.00
#
_symmetry.space_group_name_H-M   'P 21 21 2'
#
loop_
_entity.id
_entity.type
_entity.pdbx_description
1 polymer 'Parathion hydrolase'
2 non-polymer IMIDAZOLE
3 non-polymer 'DIETHYL HYDROGEN PHOSPHATE'
4 non-polymer 'COBALT (II) ION'
5 water water
#
_entity_poly.entity_id   1
_entity_poly.type   'polypeptide(L)'
_entity_poly.pdbx_seq_one_letter_code
;DRINTVRGPITISEAGFTLTHEHICGSSAGFLHAWPEFFGSRKALVEKAVRGLRRARAAGVRTIVDVSTFDCGRDVSLLA
EVSRAADVHIVAATGLWIDPPLSMRLRSVEELTQFFLREIQYGIEDTGIRAGII(KCX)VATTGKATPFQELVLRAAARA
SLATGVPVTTHTAASQRDGEQQAAIFESEGLSPSRVCIGHSDDTDDLSYLTALAARGYLIGLDGIPWSAIGLEDNASASA
ILGNRSWQTRALLIKALIDQGYMKQILVSNDWTFGFSSYVTNIMDVLDRVNPDGMAFIPLRVIPFLREKGVPQETLAGIT
VTNPARFLSPT
;
_entity_poly.pdbx_strand_id   A,B
#
loop_
_chem_comp.id
_chem_comp.type
_chem_comp.name
_chem_comp.formula
CO non-polymer 'COBALT (II) ION' 'Co 2'
DPF non-polymer 'DIETHYL HYDROGEN PHOSPHATE' 'C4 H11 O4 P'
IMD non-polymer IMIDAZOLE 'C3 H5 N2 1'
#
# COMPACT_ATOMS: atom_id res chain seq x y z
N ARG A 2 24.74 -20.75 1.05
CA ARG A 2 23.40 -21.01 1.68
C ARG A 2 22.32 -20.06 1.17
N ILE A 3 21.07 -20.54 1.18
CA ILE A 3 19.90 -19.80 0.72
C ILE A 3 19.05 -19.37 1.92
N ASN A 4 18.67 -18.09 1.95
CA ASN A 4 17.85 -17.57 3.04
C ASN A 4 16.38 -17.92 2.84
N THR A 5 15.77 -18.49 3.90
CA THR A 5 14.35 -18.84 3.90
C THR A 5 13.69 -18.08 5.04
N VAL A 6 12.37 -18.24 5.17
CA VAL A 6 11.61 -17.59 6.23
C VAL A 6 11.87 -18.18 7.62
N ARG A 7 12.58 -19.31 7.66
CA ARG A 7 12.94 -19.97 8.91
C ARG A 7 14.46 -19.94 9.12
N GLY A 8 15.14 -19.21 8.23
CA GLY A 8 16.59 -19.08 8.34
C GLY A 8 17.36 -19.66 7.15
N PRO A 9 18.71 -19.66 7.19
CA PRO A 9 19.50 -20.22 6.09
C PRO A 9 19.49 -21.74 5.96
N ILE A 10 19.43 -22.21 4.72
CA ILE A 10 19.45 -23.64 4.40
C ILE A 10 20.51 -23.90 3.34
N THR A 11 21.02 -25.14 3.29
CA THR A 11 22.04 -25.52 2.31
C THR A 11 21.39 -25.83 0.96
N ILE A 12 22.21 -25.86 -0.09
CA ILE A 12 21.77 -26.15 -1.46
C ILE A 12 21.07 -27.51 -1.58
N SER A 13 21.55 -28.50 -0.82
CA SER A 13 20.99 -29.85 -0.81
C SER A 13 19.63 -29.98 -0.12
N GLU A 14 19.37 -29.11 0.86
CA GLU A 14 18.12 -29.08 1.63
C GLU A 14 16.94 -28.56 0.81
N ALA A 15 17.24 -27.81 -0.25
CA ALA A 15 16.23 -27.21 -1.11
C ALA A 15 15.37 -28.21 -1.86
N GLY A 16 16.00 -29.19 -2.49
CA GLY A 16 15.31 -30.23 -3.25
C GLY A 16 14.42 -29.70 -4.37
N PHE A 17 13.30 -30.38 -4.59
CA PHE A 17 12.31 -29.99 -5.61
C PHE A 17 11.79 -28.60 -5.21
N THR A 18 12.08 -27.62 -6.06
CA THR A 18 11.71 -26.25 -5.80
C THR A 18 10.83 -25.61 -6.89
N LEU A 19 9.75 -24.98 -6.44
CA LEU A 19 8.83 -24.25 -7.31
C LEU A 19 9.31 -22.80 -7.19
N THR A 20 9.80 -22.26 -8.31
CA THR A 20 10.39 -20.91 -8.33
C THR A 20 9.56 -19.63 -8.41
N HIS A 21 8.25 -19.75 -8.62
CA HIS A 21 7.39 -18.58 -8.71
C HIS A 21 6.02 -19.00 -8.17
N GLU A 22 5.80 -18.73 -6.89
CA GLU A 22 4.55 -19.04 -6.20
C GLU A 22 4.20 -17.89 -5.27
N HIS A 23 3.00 -17.94 -4.69
CA HIS A 23 2.53 -16.92 -3.74
C HIS A 23 1.68 -17.61 -2.68
N ILE A 24 1.82 -17.22 -1.42
CA ILE A 24 0.98 -17.79 -0.36
C ILE A 24 -0.31 -16.95 -0.44
N CYS A 25 -0.13 -15.65 -0.60
CA CYS A 25 -1.25 -14.72 -0.70
C CYS A 25 -0.90 -13.48 -1.53
N GLY A 26 -1.67 -13.27 -2.59
CA GLY A 26 -1.49 -12.11 -3.45
C GLY A 26 -2.38 -11.01 -2.91
N SER A 27 -1.77 -9.98 -2.33
CA SER A 27 -2.56 -8.91 -1.72
C SER A 27 -1.96 -7.52 -2.02
N SER A 28 -2.02 -6.62 -1.03
CA SER A 28 -1.49 -5.27 -1.13
C SER A 28 -0.87 -4.99 0.23
N ALA A 29 0.14 -4.12 0.26
CA ALA A 29 0.82 -3.78 1.52
C ALA A 29 -0.14 -3.35 2.63
N GLY A 30 0.01 -3.99 3.79
CA GLY A 30 -0.81 -3.69 4.96
C GLY A 30 -2.22 -4.23 4.96
N PHE A 31 -2.66 -4.80 3.83
CA PHE A 31 -4.02 -5.31 3.66
C PHE A 31 -4.43 -6.47 4.56
N LEU A 32 -3.61 -7.52 4.62
CA LEU A 32 -3.92 -8.69 5.45
C LEU A 32 -4.03 -8.31 6.92
N HIS A 33 -3.22 -7.34 7.32
CA HIS A 33 -3.19 -6.85 8.70
C HIS A 33 -4.43 -5.99 9.01
N ALA A 34 -4.86 -5.18 8.04
CA ALA A 34 -6.01 -4.28 8.22
C ALA A 34 -7.38 -4.87 7.96
N TRP A 35 -7.44 -5.91 7.12
CA TRP A 35 -8.72 -6.53 6.78
C TRP A 35 -8.58 -8.05 6.62
N PRO A 36 -8.24 -8.78 7.72
CA PRO A 36 -8.11 -10.23 7.60
C PRO A 36 -9.41 -10.98 7.27
N GLU A 37 -10.56 -10.37 7.58
CA GLU A 37 -11.88 -10.98 7.32
C GLU A 37 -12.23 -11.07 5.84
N PHE A 38 -11.45 -10.37 5.00
CA PHE A 38 -11.65 -10.42 3.56
C PHE A 38 -11.39 -11.85 3.07
N PHE A 39 -10.46 -12.52 3.76
CA PHE A 39 -10.06 -13.89 3.44
C PHE A 39 -10.78 -14.89 4.38
N GLY A 40 -11.89 -14.43 4.97
CA GLY A 40 -12.64 -15.24 5.91
C GLY A 40 -12.12 -14.83 7.28
N SER A 41 -10.84 -15.17 7.51
CA SER A 41 -10.11 -14.84 8.73
C SER A 41 -8.65 -15.16 8.43
N ARG A 42 -7.74 -14.66 9.27
CA ARG A 42 -6.31 -14.95 9.11
C ARG A 42 -6.09 -16.45 9.34
N LYS A 43 -6.83 -17.03 10.29
CA LYS A 43 -6.78 -18.45 10.63
C LYS A 43 -7.20 -19.34 9.46
N ALA A 44 -8.23 -18.90 8.72
CA ALA A 44 -8.75 -19.64 7.55
C ALA A 44 -7.75 -19.64 6.39
N LEU A 45 -7.04 -18.51 6.21
CA LEU A 45 -6.03 -18.37 5.16
C LEU A 45 -4.81 -19.25 5.49
N VAL A 46 -4.41 -19.27 6.76
CA VAL A 46 -3.28 -20.07 7.25
C VAL A 46 -3.61 -21.55 7.01
N GLU A 47 -4.81 -21.96 7.41
CA GLU A 47 -5.27 -23.35 7.24
C GLU A 47 -5.32 -23.82 5.79
N LYS A 48 -5.79 -22.95 4.88
CA LYS A 48 -5.87 -23.24 3.44
C LYS A 48 -4.47 -23.38 2.86
N ALA A 49 -3.57 -22.49 3.28
CA ALA A 49 -2.19 -22.48 2.83
C ALA A 49 -1.40 -23.69 3.30
N VAL A 50 -1.60 -24.08 4.57
CA VAL A 50 -0.93 -25.24 5.17
C VAL A 50 -1.36 -26.53 4.46
N ARG A 51 -2.66 -26.65 4.19
CA ARG A 51 -3.20 -27.83 3.49
C ARG A 51 -2.68 -27.90 2.06
N GLY A 52 -2.64 -26.74 1.41
CA GLY A 52 -2.14 -26.65 0.04
C GLY A 52 -0.67 -26.97 -0.08
N LEU A 53 0.13 -26.52 0.89
CA LEU A 53 1.57 -26.79 0.89
C LEU A 53 1.87 -28.23 1.28
N ARG A 54 0.98 -28.84 2.09
CA ARG A 54 1.14 -30.24 2.49
C ARG A 54 0.83 -31.15 1.29
N ARG A 55 -0.11 -30.70 0.43
CA ARG A 55 -0.46 -31.43 -0.80
C ARG A 55 0.72 -31.35 -1.76
N ALA A 56 1.36 -30.18 -1.81
CA ALA A 56 2.52 -29.97 -2.66
C ALA A 56 3.68 -30.83 -2.16
N ARG A 57 3.85 -30.91 -0.84
CA ARG A 57 4.92 -31.71 -0.21
C ARG A 57 4.75 -33.20 -0.48
N ALA A 58 3.50 -33.67 -0.41
CA ALA A 58 3.16 -35.08 -0.65
C ALA A 58 3.41 -35.46 -2.11
N ALA A 59 3.42 -34.45 -2.98
CA ALA A 59 3.67 -34.62 -4.40
C ALA A 59 5.16 -34.50 -4.75
N GLY A 60 5.99 -34.20 -3.75
CA GLY A 60 7.43 -34.11 -3.95
C GLY A 60 8.09 -32.76 -3.73
N VAL A 61 7.31 -31.70 -3.62
CA VAL A 61 7.86 -30.34 -3.42
C VAL A 61 8.49 -30.17 -2.03
N ARG A 62 9.70 -29.58 -1.98
CA ARG A 62 10.36 -29.35 -0.70
C ARG A 62 10.52 -27.87 -0.39
N THR A 63 10.54 -27.05 -1.43
CA THR A 63 10.71 -25.60 -1.29
C THR A 63 9.89 -24.82 -2.31
N ILE A 64 9.35 -23.68 -1.89
CA ILE A 64 8.65 -22.80 -2.82
C ILE A 64 9.29 -21.42 -2.65
N VAL A 65 9.32 -20.67 -3.74
CA VAL A 65 9.85 -19.32 -3.69
C VAL A 65 8.64 -18.43 -3.82
N ASP A 66 8.32 -17.75 -2.73
CA ASP A 66 7.20 -16.82 -2.70
C ASP A 66 7.72 -15.50 -3.25
N VAL A 67 7.31 -15.19 -4.48
CA VAL A 67 7.75 -13.97 -5.16
C VAL A 67 6.88 -12.74 -4.87
N SER A 68 6.09 -12.80 -3.79
CA SER A 68 5.26 -11.65 -3.39
C SER A 68 6.17 -10.57 -2.83
N THR A 69 6.04 -9.37 -3.36
CA THR A 69 6.84 -8.23 -2.92
C THR A 69 6.04 -7.41 -1.91
N PHE A 70 6.67 -6.35 -1.41
CA PHE A 70 6.05 -5.41 -0.47
C PHE A 70 4.66 -4.98 -0.98
N ASP A 71 4.60 -4.54 -2.23
CA ASP A 71 3.34 -4.07 -2.83
C ASP A 71 2.35 -5.16 -3.24
N CYS A 72 2.81 -6.41 -3.18
CA CYS A 72 1.97 -7.58 -3.46
C CYS A 72 1.47 -8.11 -2.10
N GLY A 73 1.66 -7.31 -1.06
CA GLY A 73 1.18 -7.66 0.27
C GLY A 73 1.84 -8.75 1.05
N ARG A 74 3.09 -9.02 0.70
CA ARG A 74 3.93 -10.02 1.36
C ARG A 74 3.94 -9.80 2.88
N ASP A 75 3.56 -10.85 3.59
CA ASP A 75 3.56 -10.87 5.04
C ASP A 75 4.45 -12.05 5.39
N VAL A 76 5.73 -11.78 5.65
CA VAL A 76 6.67 -12.86 6.00
C VAL A 76 6.34 -13.62 7.28
N SER A 77 5.59 -12.99 8.19
CA SER A 77 5.17 -13.64 9.44
C SER A 77 4.16 -14.76 9.11
N LEU A 78 3.36 -14.53 8.06
CA LEU A 78 2.38 -15.52 7.58
C LEU A 78 3.17 -16.65 6.90
N LEU A 79 4.15 -16.28 6.09
CA LEU A 79 5.00 -17.24 5.38
C LEU A 79 5.76 -18.13 6.37
N ALA A 80 6.21 -17.54 7.47
CA ALA A 80 6.94 -18.27 8.52
C ALA A 80 6.04 -19.29 9.21
N GLU A 81 4.81 -18.85 9.51
CA GLU A 81 3.82 -19.71 10.18
C GLU A 81 3.43 -20.89 9.31
N VAL A 82 3.15 -20.64 8.03
CA VAL A 82 2.75 -21.71 7.12
C VAL A 82 3.90 -22.67 6.78
N SER A 83 5.13 -22.14 6.72
CA SER A 83 6.33 -22.95 6.43
C SER A 83 6.57 -23.93 7.58
N ARG A 84 6.40 -23.45 8.81
CA ARG A 84 6.59 -24.25 10.02
C ARG A 84 5.57 -25.41 10.09
N ALA A 85 4.30 -25.06 9.87
CA ALA A 85 3.21 -26.04 9.94
C ALA A 85 3.19 -27.06 8.82
N ALA A 86 3.58 -26.65 7.62
CA ALA A 86 3.59 -27.54 6.45
C ALA A 86 4.89 -28.27 6.16
N ASP A 87 5.97 -27.90 6.86
CA ASP A 87 7.32 -28.47 6.69
C ASP A 87 7.83 -28.32 5.24
N VAL A 88 7.61 -27.12 4.70
CA VAL A 88 8.04 -26.78 3.35
C VAL A 88 8.84 -25.48 3.48
N HIS A 89 10.03 -25.44 2.90
CA HIS A 89 10.86 -24.23 2.95
C HIS A 89 10.23 -23.16 2.05
N ILE A 90 10.23 -21.91 2.52
CA ILE A 90 9.69 -20.82 1.72
C ILE A 90 10.75 -19.74 1.67
N VAL A 91 11.11 -19.35 0.45
CA VAL A 91 12.10 -18.29 0.22
C VAL A 91 11.27 -17.03 -0.06
N ALA A 92 11.52 -15.97 0.71
CA ALA A 92 10.81 -14.71 0.54
C ALA A 92 11.52 -13.79 -0.46
N ALA A 93 10.77 -12.81 -0.94
CA ALA A 93 11.27 -11.87 -1.94
C ALA A 93 11.24 -10.41 -1.56
N THR A 94 12.13 -9.65 -2.22
CA THR A 94 12.13 -8.20 -2.09
C THR A 94 11.79 -7.76 -3.52
N GLY A 95 11.95 -6.47 -3.81
CA GLY A 95 11.62 -5.96 -5.12
C GLY A 95 10.29 -5.25 -5.10
N LEU A 96 9.80 -4.90 -6.29
CA LEU A 96 8.50 -4.23 -6.46
C LEU A 96 7.75 -4.89 -7.60
N TRP A 97 6.44 -4.98 -7.43
CA TRP A 97 5.53 -5.61 -8.39
C TRP A 97 4.78 -4.54 -9.21
N ILE A 98 3.58 -4.85 -9.69
CA ILE A 98 2.78 -3.93 -10.53
C ILE A 98 1.96 -2.84 -9.81
N ASP A 99 1.98 -2.82 -8.49
CA ASP A 99 1.18 -1.84 -7.74
C ASP A 99 1.94 -1.04 -6.66
N PRO A 100 3.06 -0.36 -7.01
CA PRO A 100 3.77 0.40 -5.98
C PRO A 100 3.00 1.64 -5.50
N PRO A 101 2.92 1.86 -4.18
CA PRO A 101 2.22 3.03 -3.66
C PRO A 101 3.05 4.32 -3.84
N LEU A 102 2.47 5.47 -3.52
CA LEU A 102 3.15 6.78 -3.66
C LEU A 102 4.54 6.86 -3.02
N SER A 103 4.67 6.28 -1.83
CA SER A 103 5.93 6.29 -1.09
C SER A 103 7.03 5.47 -1.74
N MET A 104 6.65 4.61 -2.67
CA MET A 104 7.60 3.80 -3.42
C MET A 104 7.82 4.39 -4.81
N ARG A 105 6.76 4.82 -5.49
CA ARG A 105 6.91 5.37 -6.84
C ARG A 105 7.59 6.73 -7.01
N LEU A 106 7.76 7.43 -5.91
CA LEU A 106 8.43 8.73 -5.91
C LEU A 106 9.91 8.59 -5.52
N ARG A 107 10.38 7.36 -5.35
CA ARG A 107 11.78 7.11 -4.96
C ARG A 107 12.77 7.03 -6.11
N SER A 108 14.02 7.40 -5.81
CA SER A 108 15.11 7.35 -6.78
C SER A 108 15.67 5.94 -6.85
N VAL A 109 16.52 5.68 -7.84
CA VAL A 109 17.16 4.38 -8.00
C VAL A 109 18.05 4.05 -6.80
N GLU A 110 18.69 5.08 -6.23
CA GLU A 110 19.55 4.92 -5.06
C GLU A 110 18.76 4.52 -3.82
N GLU A 111 17.56 5.11 -3.66
CA GLU A 111 16.69 4.82 -2.53
C GLU A 111 16.09 3.42 -2.62
N LEU A 112 15.70 3.00 -3.83
CA LEU A 112 15.12 1.67 -4.03
C LEU A 112 16.18 0.60 -3.81
N THR A 113 17.43 0.92 -4.16
CA THR A 113 18.56 0.00 -3.97
C THR A 113 18.76 -0.22 -2.46
N GLN A 114 18.63 0.87 -1.67
CA GLN A 114 18.78 0.82 -0.20
C GLN A 114 17.69 -0.06 0.40
N PHE A 115 16.48 0.06 -0.15
CA PHE A 115 15.33 -0.72 0.33
C PHE A 115 15.50 -2.21 0.02
N PHE A 116 15.86 -2.54 -1.21
CA PHE A 116 16.05 -3.94 -1.59
C PHE A 116 17.20 -4.54 -0.80
N LEU A 117 18.24 -3.75 -0.57
CA LEU A 117 19.40 -4.22 0.19
C LEU A 117 19.06 -4.49 1.65
N ARG A 118 18.22 -3.65 2.27
CA ARG A 118 17.87 -3.85 3.67
C ARG A 118 17.04 -5.14 3.84
N GLU A 119 16.19 -5.45 2.87
CA GLU A 119 15.36 -6.66 2.95
C GLU A 119 16.15 -7.95 2.75
N ILE A 120 17.30 -7.85 2.07
CA ILE A 120 18.19 -8.98 1.82
C ILE A 120 19.27 -9.10 2.91
N GLN A 121 19.92 -7.98 3.23
CA GLN A 121 21.03 -7.95 4.21
C GLN A 121 20.68 -7.83 5.68
N TYR A 122 19.61 -7.10 6.00
CA TYR A 122 19.19 -6.89 7.39
C TYR A 122 17.99 -7.77 7.74
N GLY A 123 16.90 -7.57 7.01
CA GLY A 123 15.69 -8.34 7.23
C GLY A 123 14.47 -7.59 6.76
N ILE A 124 13.35 -8.30 6.66
CA ILE A 124 12.09 -7.72 6.23
C ILE A 124 11.35 -7.25 7.48
N GLU A 125 10.93 -5.98 7.47
CA GLU A 125 10.21 -5.36 8.59
C GLU A 125 11.04 -5.50 9.89
N ASP A 126 10.45 -6.03 10.96
CA ASP A 126 11.13 -6.23 12.23
C ASP A 126 11.24 -7.74 12.55
N THR A 127 11.11 -8.56 11.50
CA THR A 127 11.11 -10.02 11.63
C THR A 127 12.46 -10.72 11.59
N GLY A 128 13.47 -10.07 11.01
CA GLY A 128 14.78 -10.67 10.89
C GLY A 128 14.88 -11.64 9.71
N ILE A 129 13.76 -11.83 9.01
CA ILE A 129 13.68 -12.73 7.85
C ILE A 129 14.25 -12.02 6.63
N ARG A 130 15.26 -12.63 6.03
CA ARG A 130 15.94 -12.07 4.87
C ARG A 130 15.47 -12.64 3.54
N ALA A 131 15.31 -11.75 2.55
CA ALA A 131 14.88 -12.14 1.21
C ALA A 131 15.98 -12.89 0.47
N GLY A 132 15.58 -13.88 -0.34
CA GLY A 132 16.54 -14.68 -1.10
C GLY A 132 16.37 -14.53 -2.60
N ILE A 133 15.53 -13.58 -3.02
CA ILE A 133 15.25 -13.29 -4.43
C ILE A 133 14.68 -11.87 -4.56
N ILE A 134 14.88 -11.26 -5.72
CA ILE A 134 14.39 -9.92 -6.02
C ILE A 134 13.40 -10.07 -7.17
N KCX A 135 12.16 -9.61 -6.94
CA KCX A 135 11.08 -9.68 -7.94
CB KCX A 135 9.81 -10.17 -7.23
CG KCX A 135 8.56 -10.10 -8.11
CD KCX A 135 8.66 -11.02 -9.34
CE KCX A 135 7.35 -10.98 -10.14
NZ KCX A 135 6.27 -11.54 -9.31
C KCX A 135 10.84 -8.28 -8.53
O KCX A 135 10.75 -7.30 -7.81
CX KCX A 135 5.06 -11.81 -9.81
OQ1 KCX A 135 4.21 -12.32 -9.04
OQ2 KCX A 135 4.86 -11.58 -11.02
N VAL A 136 10.81 -8.20 -9.87
CA VAL A 136 10.52 -6.94 -10.55
C VAL A 136 9.45 -7.13 -11.61
N ALA A 137 8.92 -6.03 -12.14
CA ALA A 137 7.84 -6.11 -13.13
C ALA A 137 7.73 -5.02 -14.20
N THR A 138 7.27 -5.45 -15.38
CA THR A 138 6.99 -4.56 -16.53
C THR A 138 5.73 -5.14 -17.18
N THR A 139 4.87 -4.26 -17.68
CA THR A 139 3.63 -4.64 -18.37
C THR A 139 3.64 -3.84 -19.68
N GLY A 140 4.49 -4.29 -20.60
CA GLY A 140 4.67 -3.63 -21.88
C GLY A 140 5.99 -2.87 -21.76
N LYS A 141 6.11 -1.73 -22.46
CA LYS A 141 7.32 -0.90 -22.41
C LYS A 141 7.43 -0.37 -20.97
N ALA A 142 8.63 -0.48 -20.40
CA ALA A 142 8.89 -0.04 -19.03
C ALA A 142 8.60 1.45 -18.83
N THR A 143 7.91 1.76 -17.74
CA THR A 143 7.60 3.15 -17.37
C THR A 143 8.93 3.72 -16.80
N PRO A 144 9.08 5.07 -16.69
CA PRO A 144 10.34 5.59 -16.13
C PRO A 144 10.66 5.01 -14.75
N PHE A 145 9.61 4.74 -13.96
CA PHE A 145 9.76 4.17 -12.64
C PHE A 145 10.21 2.71 -12.70
N GLN A 146 9.62 1.94 -13.62
CA GLN A 146 9.97 0.54 -13.77
C GLN A 146 11.42 0.34 -14.21
N GLU A 147 11.94 1.32 -14.94
CA GLU A 147 13.35 1.28 -15.39
C GLU A 147 14.24 1.46 -14.16
N LEU A 148 13.82 2.32 -13.23
CA LEU A 148 14.55 2.57 -11.97
C LEU A 148 14.53 1.33 -11.07
N VAL A 149 13.39 0.62 -11.05
CA VAL A 149 13.25 -0.60 -10.25
C VAL A 149 14.17 -1.71 -10.77
N LEU A 150 14.24 -1.87 -12.09
CA LEU A 150 15.08 -2.90 -12.71
C LEU A 150 16.56 -2.63 -12.47
N ARG A 151 16.94 -1.35 -12.49
CA ARG A 151 18.34 -0.96 -12.24
C ARG A 151 18.69 -1.16 -10.77
N ALA A 152 17.76 -0.83 -9.86
CA ALA A 152 17.95 -1.01 -8.42
C ALA A 152 18.02 -2.50 -8.06
N ALA A 153 17.24 -3.32 -8.78
CA ALA A 153 17.23 -4.77 -8.59
C ALA A 153 18.58 -5.34 -8.99
N ALA A 154 19.10 -4.83 -10.11
CA ALA A 154 20.39 -5.25 -10.64
C ALA A 154 21.52 -4.91 -9.66
N ARG A 155 21.47 -3.69 -9.10
CA ARG A 155 22.47 -3.23 -8.14
C ARG A 155 22.41 -4.01 -6.82
N ALA A 156 21.21 -4.38 -6.39
CA ALA A 156 21.02 -5.16 -5.17
C ALA A 156 21.55 -6.59 -5.35
N SER A 157 21.34 -7.14 -6.55
CA SER A 157 21.80 -8.49 -6.92
C SER A 157 23.33 -8.53 -6.98
N LEU A 158 23.92 -7.50 -7.58
CA LEU A 158 25.37 -7.42 -7.73
C LEU A 158 26.12 -7.26 -6.41
N ALA A 159 25.45 -6.72 -5.40
CA ALA A 159 26.05 -6.52 -4.08
C ALA A 159 25.86 -7.72 -3.15
N THR A 160 24.87 -8.56 -3.46
CA THR A 160 24.54 -9.71 -2.62
C THR A 160 24.67 -11.10 -3.24
N GLY A 161 24.51 -11.18 -4.57
CA GLY A 161 24.60 -12.43 -5.28
C GLY A 161 23.22 -13.08 -5.42
N VAL A 162 22.23 -12.44 -4.79
CA VAL A 162 20.84 -12.87 -4.80
C VAL A 162 20.26 -12.70 -6.23
N PRO A 163 19.53 -13.70 -6.75
CA PRO A 163 18.98 -13.58 -8.11
C PRO A 163 17.78 -12.65 -8.31
N VAL A 164 17.50 -12.35 -9.57
CA VAL A 164 16.40 -11.48 -9.98
C VAL A 164 15.41 -12.30 -10.81
N THR A 165 14.13 -12.15 -10.50
CA THR A 165 13.08 -12.83 -11.25
C THR A 165 12.08 -11.77 -11.70
N THR A 166 11.57 -11.91 -12.93
CA THR A 166 10.68 -10.89 -13.47
C THR A 166 9.28 -11.32 -13.84
N HIS A 167 8.40 -10.31 -13.91
CA HIS A 167 7.01 -10.44 -14.34
C HIS A 167 7.09 -9.74 -15.71
N THR A 168 6.51 -10.37 -16.73
CA THR A 168 6.51 -9.80 -18.08
C THR A 168 5.12 -9.88 -18.71
N ALA A 169 4.96 -9.11 -19.78
CA ALA A 169 3.77 -9.14 -20.63
C ALA A 169 4.49 -9.81 -21.80
N ALA A 170 4.62 -11.13 -21.72
CA ALA A 170 5.33 -11.94 -22.71
C ALA A 170 4.94 -11.78 -24.17
N SER A 171 3.66 -11.46 -24.41
CA SER A 171 3.15 -11.25 -25.77
C SER A 171 3.71 -9.97 -26.41
N GLN A 172 4.19 -9.05 -25.55
CA GLN A 172 4.77 -7.78 -25.97
C GLN A 172 6.30 -7.84 -25.96
N ARG A 173 6.83 -9.02 -25.67
CA ARG A 173 8.27 -9.32 -25.62
C ARG A 173 9.11 -8.46 -24.65
N ASP A 174 8.56 -8.22 -23.46
CA ASP A 174 9.21 -7.41 -22.41
C ASP A 174 10.60 -7.88 -21.98
N GLY A 175 10.83 -9.19 -22.10
CA GLY A 175 12.10 -9.81 -21.73
C GLY A 175 13.34 -9.24 -22.42
N GLU A 176 13.14 -8.73 -23.64
CA GLU A 176 14.22 -8.12 -24.42
C GLU A 176 14.67 -6.79 -23.82
N GLN A 177 13.72 -5.96 -23.40
CA GLN A 177 14.03 -4.66 -22.79
C GLN A 177 14.58 -4.86 -21.38
N GLN A 178 14.06 -5.86 -20.66
CA GLN A 178 14.53 -6.16 -19.31
C GLN A 178 15.98 -6.60 -19.35
N ALA A 179 16.28 -7.44 -20.36
CA ALA A 179 17.62 -7.97 -20.60
C ALA A 179 18.63 -6.86 -20.89
N ALA A 180 18.20 -5.91 -21.73
CA ALA A 180 19.04 -4.76 -22.13
C ALA A 180 19.37 -3.86 -20.94
N ILE A 181 18.40 -3.65 -20.05
CA ILE A 181 18.59 -2.82 -18.85
C ILE A 181 19.51 -3.52 -17.86
N PHE A 182 19.29 -4.83 -17.64
CA PHE A 182 20.10 -5.62 -16.72
C PHE A 182 21.57 -5.70 -17.17
N GLU A 183 21.78 -5.92 -18.46
CA GLU A 183 23.12 -6.01 -19.04
C GLU A 183 23.86 -4.67 -19.00
N SER A 184 23.11 -3.56 -19.10
CA SER A 184 23.72 -2.22 -19.06
C SER A 184 24.27 -1.92 -17.65
N GLU A 185 23.75 -2.62 -16.65
CA GLU A 185 24.18 -2.48 -15.25
C GLU A 185 25.30 -3.44 -14.86
N GLY A 186 25.64 -4.35 -15.78
CA GLY A 186 26.69 -5.32 -15.54
C GLY A 186 26.22 -6.62 -14.90
N LEU A 187 24.91 -6.83 -14.91
CA LEU A 187 24.33 -8.04 -14.35
C LEU A 187 24.46 -9.23 -15.29
N SER A 188 24.93 -10.34 -14.74
CA SER A 188 25.10 -11.58 -15.47
C SER A 188 23.74 -12.20 -15.75
N PRO A 189 23.48 -12.62 -17.01
CA PRO A 189 22.20 -13.23 -17.40
C PRO A 189 21.80 -14.46 -16.58
N SER A 190 22.80 -15.16 -16.05
CA SER A 190 22.60 -16.37 -15.24
C SER A 190 21.98 -16.08 -13.86
N ARG A 191 21.89 -14.79 -13.50
CA ARG A 191 21.30 -14.38 -12.23
C ARG A 191 19.87 -13.86 -12.43
N VAL A 192 19.36 -13.99 -13.66
CA VAL A 192 18.03 -13.50 -14.02
C VAL A 192 17.08 -14.52 -14.65
N CYS A 193 15.84 -14.51 -14.16
CA CYS A 193 14.79 -15.35 -14.71
C CYS A 193 13.73 -14.44 -15.32
N ILE A 194 13.51 -14.61 -16.62
CA ILE A 194 12.50 -13.85 -17.35
C ILE A 194 11.21 -14.68 -17.18
N GLY A 195 10.38 -14.24 -16.25
CA GLY A 195 9.12 -14.92 -15.92
C GLY A 195 7.93 -14.67 -16.80
N HIS A 196 6.85 -15.43 -16.56
CA HIS A 196 5.58 -15.40 -17.31
C HIS A 196 5.83 -15.64 -18.81
N SER A 197 6.92 -16.32 -19.10
CA SER A 197 7.34 -16.63 -20.46
C SER A 197 6.49 -17.66 -21.18
N ASP A 198 5.64 -18.35 -20.43
CA ASP A 198 4.73 -19.33 -21.00
C ASP A 198 3.42 -18.67 -21.46
N ASP A 199 3.36 -17.34 -21.37
CA ASP A 199 2.20 -16.56 -21.81
C ASP A 199 2.28 -16.25 -23.31
N THR A 200 3.34 -16.74 -23.95
CA THR A 200 3.55 -16.55 -25.39
C THR A 200 3.94 -17.86 -26.08
N ASP A 201 3.58 -17.95 -27.37
CA ASP A 201 3.89 -19.10 -28.20
C ASP A 201 5.10 -18.80 -29.10
N ASP A 202 5.66 -17.60 -28.93
CA ASP A 202 6.83 -17.15 -29.72
C ASP A 202 8.09 -17.82 -29.17
N LEU A 203 8.43 -18.95 -29.80
CA LEU A 203 9.60 -19.75 -29.45
C LEU A 203 10.91 -19.05 -29.79
N SER A 204 10.91 -18.25 -30.86
CA SER A 204 12.09 -17.50 -31.33
C SER A 204 12.55 -16.50 -30.25
N TYR A 205 11.58 -15.86 -29.61
CA TYR A 205 11.83 -14.89 -28.54
C TYR A 205 12.42 -15.59 -27.29
N LEU A 206 11.88 -16.77 -26.97
CA LEU A 206 12.32 -17.56 -25.82
C LEU A 206 13.71 -18.13 -25.96
N THR A 207 14.00 -18.67 -27.14
CA THR A 207 15.31 -19.27 -27.44
C THR A 207 16.42 -18.22 -27.55
N ALA A 208 16.06 -17.02 -28.02
CA ALA A 208 17.00 -15.91 -28.17
C ALA A 208 17.52 -15.45 -26.81
N LEU A 209 16.63 -15.43 -25.82
CA LEU A 209 16.98 -15.06 -24.45
C LEU A 209 17.77 -16.17 -23.75
N ALA A 210 17.36 -17.42 -23.98
CA ALA A 210 18.02 -18.61 -23.41
C ALA A 210 19.45 -18.78 -23.91
N ALA A 211 19.68 -18.35 -25.16
CA ALA A 211 21.00 -18.41 -25.82
C ALA A 211 21.97 -17.40 -25.21
N ARG A 212 21.41 -16.33 -24.65
CA ARG A 212 22.19 -15.26 -24.01
C ARG A 212 22.52 -15.61 -22.56
N GLY A 213 21.95 -16.70 -22.06
CA GLY A 213 22.21 -17.16 -20.70
C GLY A 213 21.11 -16.94 -19.69
N TYR A 214 19.98 -16.38 -20.12
CA TYR A 214 18.85 -16.12 -19.24
C TYR A 214 18.06 -17.37 -18.89
N LEU A 215 17.50 -17.38 -17.69
CA LEU A 215 16.66 -18.48 -17.24
C LEU A 215 15.26 -18.10 -17.69
N ILE A 216 14.56 -19.07 -18.26
CA ILE A 216 13.22 -18.89 -18.79
C ILE A 216 12.20 -19.42 -17.79
N GLY A 217 11.38 -18.50 -17.27
CA GLY A 217 10.38 -18.84 -16.29
C GLY A 217 9.06 -19.24 -16.90
N LEU A 218 8.85 -20.54 -17.04
CA LEU A 218 7.61 -21.10 -17.57
C LEU A 218 6.84 -21.40 -16.30
N ASP A 219 6.30 -20.32 -15.76
CA ASP A 219 5.63 -20.29 -14.47
C ASP A 219 4.12 -20.27 -14.29
N GLY A 220 3.35 -20.19 -15.38
CA GLY A 220 1.90 -20.13 -15.21
C GLY A 220 1.18 -21.25 -15.94
N ILE A 221 1.75 -22.46 -15.87
CA ILE A 221 1.20 -23.64 -16.55
C ILE A 221 -0.29 -23.95 -16.31
N PRO A 222 -0.81 -23.88 -15.05
CA PRO A 222 -2.24 -24.18 -14.88
C PRO A 222 -3.22 -23.07 -15.26
N TRP A 223 -2.71 -21.88 -15.55
CA TRP A 223 -3.55 -20.73 -15.92
C TRP A 223 -4.15 -20.88 -17.33
N SER A 224 -5.39 -21.36 -17.36
CA SER A 224 -6.15 -21.60 -18.60
C SER A 224 -7.66 -21.55 -18.35
N ALA A 225 -8.39 -20.94 -19.28
CA ALA A 225 -9.84 -20.82 -19.20
C ALA A 225 -10.53 -21.77 -20.17
N ASN A 231 -16.19 -16.03 -17.02
CA ASN A 231 -16.62 -14.83 -17.73
C ASN A 231 -15.43 -13.89 -17.97
N ALA A 232 -15.73 -12.60 -18.17
CA ALA A 232 -14.76 -11.53 -18.44
C ALA A 232 -13.51 -11.44 -17.58
N SER A 233 -13.71 -11.35 -16.25
CA SER A 233 -12.60 -11.24 -15.29
C SER A 233 -11.74 -12.50 -15.17
N ALA A 234 -12.35 -13.66 -15.44
CA ALA A 234 -11.66 -14.95 -15.38
C ALA A 234 -10.72 -15.14 -16.56
N SER A 235 -11.27 -15.06 -17.78
CA SER A 235 -10.53 -15.24 -19.03
C SER A 235 -9.54 -14.10 -19.37
N ALA A 236 -9.56 -13.04 -18.56
CA ALA A 236 -8.68 -11.88 -18.73
C ALA A 236 -7.24 -12.19 -18.32
N ILE A 237 -7.07 -12.90 -17.20
CA ILE A 237 -5.74 -13.27 -16.70
C ILE A 237 -5.38 -14.73 -17.06
N LEU A 238 -6.37 -15.61 -17.08
CA LEU A 238 -6.17 -17.03 -17.39
C LEU A 238 -5.68 -17.33 -18.82
N GLY A 239 -6.38 -16.79 -19.82
CA GLY A 239 -6.00 -16.99 -21.21
C GLY A 239 -6.82 -18.06 -21.93
N ASN A 240 -6.66 -18.16 -23.25
CA ASN A 240 -7.39 -19.12 -24.07
C ASN A 240 -6.60 -20.39 -24.43
N ARG A 241 -5.30 -20.36 -24.14
CA ARG A 241 -4.39 -21.48 -24.41
C ARG A 241 -4.44 -22.50 -23.27
N SER A 242 -4.40 -23.79 -23.64
CA SER A 242 -4.46 -24.90 -22.68
C SER A 242 -3.15 -25.07 -21.89
N TRP A 243 -3.22 -25.83 -20.80
CA TRP A 243 -2.04 -26.10 -19.98
C TRP A 243 -1.01 -26.94 -20.73
N GLN A 244 -1.52 -27.80 -21.62
CA GLN A 244 -0.68 -28.68 -22.44
C GLN A 244 0.18 -27.89 -23.42
N THR A 245 -0.39 -26.80 -23.96
CA THR A 245 0.32 -25.91 -24.90
C THR A 245 1.42 -25.15 -24.14
N ARG A 246 1.11 -24.77 -22.90
CA ARG A 246 2.07 -24.07 -22.03
C ARG A 246 3.17 -25.03 -21.57
N ALA A 247 2.79 -26.28 -21.33
CA ALA A 247 3.71 -27.33 -20.89
C ALA A 247 4.64 -27.81 -22.00
N LEU A 248 4.17 -27.75 -23.26
CA LEU A 248 4.97 -28.17 -24.41
C LEU A 248 6.11 -27.21 -24.72
N LEU A 249 6.09 -26.03 -24.09
CA LEU A 249 7.14 -25.03 -24.26
C LEU A 249 8.39 -25.46 -23.48
N ILE A 250 8.18 -26.32 -22.48
CA ILE A 250 9.26 -26.87 -21.65
C ILE A 250 10.01 -27.87 -22.53
N LYS A 251 9.25 -28.73 -23.22
CA LYS A 251 9.81 -29.74 -24.13
C LYS A 251 10.49 -29.09 -25.33
N ALA A 252 9.90 -28.00 -25.82
CA ALA A 252 10.42 -27.26 -26.98
C ALA A 252 11.79 -26.64 -26.70
N LEU A 253 11.99 -26.18 -25.46
CA LEU A 253 13.26 -25.59 -25.04
C LEU A 253 14.33 -26.64 -24.71
N ILE A 254 13.89 -27.83 -24.28
CA ILE A 254 14.80 -28.95 -23.99
C ILE A 254 15.34 -29.49 -25.33
N ASP A 255 14.45 -29.55 -26.33
CA ASP A 255 14.78 -30.03 -27.69
C ASP A 255 15.74 -29.12 -28.45
N GLN A 256 15.89 -27.89 -27.96
CA GLN A 256 16.81 -26.93 -28.55
C GLN A 256 18.10 -26.82 -27.73
N GLY A 257 18.21 -27.71 -26.73
CA GLY A 257 19.38 -27.78 -25.87
C GLY A 257 19.48 -26.84 -24.68
N TYR A 258 18.35 -26.28 -24.25
CA TYR A 258 18.32 -25.33 -23.13
C TYR A 258 17.67 -25.86 -21.85
N MET A 259 17.93 -27.13 -21.49
CA MET A 259 17.37 -27.75 -20.28
C MET A 259 17.83 -27.12 -18.97
N LYS A 260 19.05 -26.56 -18.99
CA LYS A 260 19.64 -25.92 -17.82
C LYS A 260 19.13 -24.49 -17.59
N GLN A 261 18.46 -23.92 -18.60
CA GLN A 261 17.93 -22.56 -18.53
C GLN A 261 16.42 -22.53 -18.22
N ILE A 262 15.84 -23.67 -17.84
CA ILE A 262 14.39 -23.72 -17.57
C ILE A 262 14.02 -23.78 -16.09
N LEU A 263 13.05 -22.93 -15.71
CA LEU A 263 12.52 -22.89 -14.35
C LEU A 263 11.01 -23.02 -14.49
N VAL A 264 10.44 -24.01 -13.81
CA VAL A 264 9.00 -24.26 -13.88
C VAL A 264 8.28 -24.01 -12.56
N SER A 265 7.06 -23.47 -12.66
CA SER A 265 6.22 -23.20 -11.49
C SER A 265 4.75 -23.09 -11.86
N ASN A 266 3.91 -22.87 -10.86
CA ASN A 266 2.46 -22.76 -11.03
C ASN A 266 1.92 -21.33 -10.99
N ASP A 267 2.64 -20.44 -10.28
CA ASP A 267 2.22 -19.04 -10.04
C ASP A 267 0.88 -19.13 -9.29
N TRP A 268 0.83 -20.04 -8.33
CA TRP A 268 -0.38 -20.23 -7.57
C TRP A 268 -0.45 -19.38 -6.33
N THR A 269 -1.64 -19.35 -5.72
CA THR A 269 -1.87 -18.57 -4.53
C THR A 269 -3.01 -19.20 -3.73
N PHE A 270 -3.13 -18.83 -2.46
CA PHE A 270 -4.18 -19.34 -1.59
C PHE A 270 -5.15 -18.25 -1.16
N GLY A 271 -4.76 -17.01 -1.46
CA GLY A 271 -5.56 -15.84 -1.16
C GLY A 271 -5.22 -14.87 -2.26
N PHE A 272 -6.20 -14.12 -2.74
CA PHE A 272 -5.97 -13.18 -3.83
C PHE A 272 -6.93 -11.99 -3.70
N SER A 273 -6.45 -10.93 -3.07
CA SER A 273 -7.26 -9.74 -2.87
C SER A 273 -7.03 -8.66 -3.91
N SER A 274 -5.89 -8.73 -4.59
CA SER A 274 -5.51 -7.76 -5.62
C SER A 274 -6.18 -7.98 -6.98
N TYR A 275 -7.38 -8.56 -6.95
CA TYR A 275 -8.21 -8.80 -8.12
C TYR A 275 -9.67 -8.86 -7.66
N VAL A 276 -10.60 -9.30 -8.53
CA VAL A 276 -12.03 -9.38 -8.18
C VAL A 276 -12.31 -10.32 -7.00
N THR A 277 -13.40 -10.03 -6.27
CA THR A 277 -13.81 -10.77 -5.06
C THR A 277 -13.71 -12.30 -5.01
N ASN A 278 -14.58 -13.00 -5.71
CA ASN A 278 -14.55 -14.46 -5.66
C ASN A 278 -13.67 -15.15 -6.71
N ILE A 279 -12.50 -14.58 -6.96
CA ILE A 279 -11.53 -15.12 -7.93
C ILE A 279 -10.93 -16.44 -7.44
N MET A 280 -10.83 -16.60 -6.11
CA MET A 280 -10.28 -17.81 -5.50
C MET A 280 -11.13 -19.03 -5.79
N ASP A 281 -12.45 -18.84 -5.85
CA ASP A 281 -13.42 -19.91 -6.13
C ASP A 281 -13.34 -20.35 -7.60
N VAL A 282 -12.98 -19.39 -8.47
CA VAL A 282 -12.83 -19.63 -9.91
C VAL A 282 -11.51 -20.36 -10.16
N LEU A 283 -10.44 -19.90 -9.50
CA LEU A 283 -9.11 -20.50 -9.63
C LEU A 283 -9.01 -21.91 -9.08
N ASP A 284 -9.66 -22.17 -7.94
CA ASP A 284 -9.65 -23.49 -7.31
C ASP A 284 -10.38 -24.59 -8.09
N ARG A 285 -11.26 -24.20 -9.01
CA ARG A 285 -11.97 -25.16 -9.86
C ARG A 285 -11.25 -25.37 -11.18
N VAL A 286 -10.46 -24.37 -11.60
CA VAL A 286 -9.65 -24.44 -12.84
C VAL A 286 -8.48 -25.40 -12.56
N ASN A 287 -7.90 -25.26 -11.37
CA ASN A 287 -6.79 -26.08 -10.93
C ASN A 287 -6.98 -26.53 -9.46
N PRO A 288 -7.66 -27.68 -9.27
CA PRO A 288 -7.91 -28.21 -7.91
C PRO A 288 -6.61 -28.71 -7.26
N ASP A 289 -5.59 -28.97 -8.08
CA ASP A 289 -4.29 -29.46 -7.61
C ASP A 289 -3.45 -28.39 -6.90
N GLY A 290 -3.74 -27.13 -7.21
CA GLY A 290 -3.02 -26.01 -6.61
C GLY A 290 -1.55 -26.02 -6.98
N MET A 291 -0.68 -25.93 -5.98
CA MET A 291 0.77 -25.95 -6.18
C MET A 291 1.28 -27.34 -6.53
N ALA A 292 0.42 -28.34 -6.38
CA ALA A 292 0.75 -29.72 -6.71
C ALA A 292 0.58 -30.01 -8.21
N PHE A 293 0.11 -29.01 -8.97
CA PHE A 293 -0.09 -29.15 -10.41
C PHE A 293 1.17 -29.55 -11.17
N ILE A 294 2.30 -28.88 -10.91
CA ILE A 294 3.55 -29.19 -11.59
C ILE A 294 4.00 -30.65 -11.38
N PRO A 295 4.14 -31.14 -10.11
CA PRO A 295 4.58 -32.53 -10.00
C PRO A 295 3.53 -33.61 -10.36
N LEU A 296 2.25 -33.32 -10.15
CA LEU A 296 1.19 -34.29 -10.44
C LEU A 296 0.70 -34.35 -11.88
N ARG A 297 0.71 -33.22 -12.59
CA ARG A 297 0.22 -33.19 -13.97
C ARG A 297 1.26 -32.91 -15.04
N VAL A 298 2.11 -31.91 -14.83
CA VAL A 298 3.14 -31.54 -15.80
C VAL A 298 4.28 -32.54 -15.94
N ILE A 299 4.80 -33.03 -14.81
CA ILE A 299 5.89 -34.02 -14.86
C ILE A 299 5.48 -35.34 -15.55
N PRO A 300 4.30 -35.95 -15.22
CA PRO A 300 3.93 -37.19 -15.92
C PRO A 300 3.62 -36.97 -17.40
N PHE A 301 3.17 -35.75 -17.74
CA PHE A 301 2.84 -35.37 -19.12
C PHE A 301 4.12 -35.31 -19.96
N LEU A 302 5.18 -34.73 -19.39
CA LEU A 302 6.46 -34.63 -20.07
C LEU A 302 7.16 -35.99 -20.19
N ARG A 303 6.90 -36.88 -19.23
CA ARG A 303 7.46 -38.25 -19.23
C ARG A 303 6.81 -39.07 -20.36
N GLU A 304 5.53 -38.80 -20.60
CA GLU A 304 4.74 -39.46 -21.66
C GLU A 304 5.18 -39.00 -23.05
N LYS A 305 5.71 -37.77 -23.13
CA LYS A 305 6.18 -37.19 -24.38
C LYS A 305 7.63 -37.50 -24.75
N GLY A 306 8.32 -38.25 -23.88
CA GLY A 306 9.70 -38.63 -24.15
C GLY A 306 10.82 -37.97 -23.39
N VAL A 307 10.50 -37.04 -22.49
CA VAL A 307 11.51 -36.33 -21.69
C VAL A 307 11.95 -37.23 -20.52
N PRO A 308 13.28 -37.50 -20.37
CA PRO A 308 13.82 -38.34 -19.29
C PRO A 308 13.61 -37.77 -17.89
N GLN A 309 13.58 -38.65 -16.88
CA GLN A 309 13.39 -38.27 -15.47
C GLN A 309 14.61 -37.54 -14.91
N GLU A 310 15.77 -37.76 -15.53
CA GLU A 310 17.03 -37.14 -15.15
C GLU A 310 17.04 -35.66 -15.58
N THR A 311 16.35 -35.37 -16.68
CA THR A 311 16.22 -34.02 -17.24
C THR A 311 15.20 -33.24 -16.41
N LEU A 312 14.10 -33.92 -16.03
CA LEU A 312 13.04 -33.31 -15.23
C LEU A 312 13.50 -33.01 -13.81
N ALA A 313 14.40 -33.86 -13.29
CA ALA A 313 14.97 -33.68 -11.96
C ALA A 313 16.01 -32.55 -12.05
N GLY A 314 16.58 -32.38 -13.25
CA GLY A 314 17.55 -31.32 -13.48
C GLY A 314 16.87 -29.96 -13.50
N ILE A 315 15.66 -29.92 -14.06
CA ILE A 315 14.87 -28.69 -14.16
C ILE A 315 14.24 -28.29 -12.83
N THR A 316 13.81 -29.28 -12.05
CA THR A 316 13.14 -29.03 -10.77
C THR A 316 13.99 -29.00 -9.50
N VAL A 317 15.19 -29.58 -9.54
CA VAL A 317 16.10 -29.60 -8.38
C VAL A 317 17.39 -28.82 -8.64
N THR A 318 18.13 -29.20 -9.70
CA THR A 318 19.41 -28.58 -10.05
C THR A 318 19.35 -27.12 -10.49
N ASN A 319 18.46 -26.79 -11.44
CA ASN A 319 18.32 -25.41 -11.93
C ASN A 319 17.94 -24.42 -10.81
N PRO A 320 16.90 -24.71 -9.99
CA PRO A 320 16.53 -23.76 -8.92
C PRO A 320 17.60 -23.58 -7.85
N ALA A 321 18.33 -24.66 -7.54
CA ALA A 321 19.40 -24.62 -6.53
C ALA A 321 20.56 -23.72 -6.98
N ARG A 322 20.90 -23.82 -8.27
CA ARG A 322 21.96 -23.03 -8.89
C ARG A 322 21.55 -21.56 -9.05
N PHE A 323 20.26 -21.34 -9.29
CA PHE A 323 19.68 -20.01 -9.46
C PHE A 323 19.64 -19.26 -8.13
N LEU A 324 19.11 -19.92 -7.10
CA LEU A 324 18.96 -19.32 -5.77
C LEU A 324 20.24 -19.12 -4.98
N SER A 325 21.23 -20.00 -5.19
CA SER A 325 22.52 -19.93 -4.48
C SER A 325 23.22 -18.61 -4.80
N PRO A 326 23.50 -17.78 -3.76
CA PRO A 326 24.16 -16.49 -3.96
C PRO A 326 25.58 -16.63 -4.54
N THR A 327 25.76 -16.01 -5.71
CA THR A 327 27.03 -16.02 -6.43
C THR A 327 27.27 -14.69 -7.15
N ASP B 1 -17.54 9.43 27.51
CA ASP B 1 -17.31 8.34 26.52
C ASP B 1 -18.14 8.57 25.25
N ARG B 2 -17.76 9.61 24.50
CA ARG B 2 -18.42 10.01 23.25
C ARG B 2 -17.50 9.81 22.04
N ILE B 3 -16.39 10.56 22.01
CA ILE B 3 -15.41 10.52 20.92
C ILE B 3 -14.34 9.44 21.16
N ASN B 4 -14.12 8.61 20.14
CA ASN B 4 -13.13 7.53 20.19
C ASN B 4 -11.74 8.07 19.83
N THR B 5 -10.78 7.80 20.69
CA THR B 5 -9.39 8.20 20.47
C THR B 5 -8.53 6.94 20.47
N VAL B 6 -7.23 7.13 20.20
CA VAL B 6 -6.27 6.03 20.16
C VAL B 6 -5.92 5.49 21.56
N ARG B 7 -6.43 6.17 22.59
CA ARG B 7 -6.23 5.79 24.00
C ARG B 7 -7.55 5.27 24.59
N GLY B 8 -8.62 5.34 23.80
CA GLY B 8 -9.93 4.88 24.24
C GLY B 8 -11.00 5.97 24.14
N PRO B 9 -12.24 5.73 24.63
CA PRO B 9 -13.32 6.73 24.57
C PRO B 9 -13.17 7.89 25.58
N ILE B 10 -13.35 9.12 25.10
CA ILE B 10 -13.27 10.32 25.93
C ILE B 10 -14.55 11.16 25.80
N THR B 11 -14.79 12.06 26.76
CA THR B 11 -15.97 12.93 26.75
C THR B 11 -15.77 14.19 25.89
N ILE B 12 -16.86 14.90 25.62
CA ILE B 12 -16.88 16.15 24.83
C ILE B 12 -16.01 17.24 25.45
N SER B 13 -16.14 17.39 26.77
CA SER B 13 -15.40 18.38 27.56
C SER B 13 -13.90 18.14 27.64
N GLU B 14 -13.49 16.88 27.46
CA GLU B 14 -12.08 16.47 27.49
C GLU B 14 -11.33 16.85 26.22
N ALA B 15 -12.07 17.04 25.12
CA ALA B 15 -11.53 17.40 23.82
C ALA B 15 -10.82 18.75 23.77
N GLY B 16 -11.51 19.80 24.22
CA GLY B 16 -10.95 21.15 24.25
C GLY B 16 -10.56 21.72 22.89
N PHE B 17 -9.40 22.37 22.83
CA PHE B 17 -8.85 22.96 21.61
C PHE B 17 -8.53 21.78 20.69
N THR B 18 -9.18 21.75 19.53
CA THR B 18 -9.00 20.65 18.59
C THR B 18 -8.62 21.08 17.17
N LEU B 19 -7.58 20.42 16.65
CA LEU B 19 -7.10 20.62 15.28
C LEU B 19 -7.73 19.46 14.52
N THR B 20 -8.66 19.79 13.63
CA THR B 20 -9.44 18.82 12.87
C THR B 20 -8.86 18.05 11.69
N HIS B 21 -7.70 18.46 11.19
CA HIS B 21 -7.09 17.79 10.04
C HIS B 21 -5.57 17.87 10.21
N GLU B 22 -5.01 16.80 10.78
CA GLU B 22 -3.56 16.69 11.01
C GLU B 22 -3.09 15.29 10.66
N HIS B 23 -1.77 15.11 10.67
CA HIS B 23 -1.14 13.80 10.38
C HIS B 23 0.08 13.68 11.27
N ILE B 24 0.37 12.48 11.74
CA ILE B 24 1.58 12.26 12.52
C ILE B 24 2.62 11.88 11.45
N CYS B 25 2.18 11.08 10.48
CA CYS B 25 3.03 10.64 9.38
C CYS B 25 2.24 10.40 8.10
N GLY B 26 2.62 11.11 7.04
CA GLY B 26 2.00 10.97 5.73
C GLY B 26 2.83 9.95 4.99
N SER B 27 2.29 8.75 4.83
CA SER B 27 3.01 7.66 4.21
C SER B 27 2.15 6.82 3.27
N SER B 28 2.41 5.51 3.24
CA SER B 28 1.67 4.54 2.42
C SER B 28 1.53 3.29 3.28
N ALA B 29 0.47 2.52 3.04
CA ALA B 29 0.21 1.29 3.80
C ALA B 29 1.40 0.35 3.88
N GLY B 30 1.74 -0.04 5.11
CA GLY B 30 2.86 -0.93 5.37
C GLY B 30 4.26 -0.35 5.24
N PHE B 31 4.36 0.90 4.78
CA PHE B 31 5.65 1.55 4.56
C PHE B 31 6.52 1.79 5.79
N LEU B 32 5.94 2.36 6.85
CA LEU B 32 6.67 2.61 8.10
C LEU B 32 7.19 1.30 8.72
N HIS B 33 6.39 0.24 8.57
CA HIS B 33 6.75 -1.07 9.09
C HIS B 33 7.87 -1.72 8.26
N ALA B 34 7.85 -1.53 6.94
CA ALA B 34 8.87 -2.11 6.06
C ALA B 34 10.16 -1.33 5.86
N TRP B 35 10.08 -0.01 5.98
CA TRP B 35 11.24 0.83 5.77
C TRP B 35 11.29 2.01 6.76
N PRO B 36 11.47 1.72 8.08
CA PRO B 36 11.53 2.82 9.05
C PRO B 36 12.73 3.75 8.91
N GLU B 37 13.83 3.24 8.30
CA GLU B 37 15.06 4.01 8.07
C GLU B 37 14.86 5.19 7.15
N PHE B 38 13.76 5.18 6.38
CA PHE B 38 13.44 6.29 5.47
C PHE B 38 13.27 7.58 6.30
N PHE B 39 12.74 7.42 7.50
CA PHE B 39 12.48 8.51 8.44
C PHE B 39 13.60 8.61 9.48
N GLY B 40 14.76 8.05 9.15
CA GLY B 40 15.90 8.02 10.06
C GLY B 40 15.81 6.69 10.79
N SER B 41 14.75 6.56 11.59
CA SER B 41 14.41 5.36 12.36
C SER B 41 13.01 5.60 12.91
N ARG B 42 12.35 4.52 13.35
CA ARG B 42 11.01 4.64 13.93
C ARG B 42 11.10 5.45 15.24
N LYS B 43 12.19 5.27 15.97
CA LYS B 43 12.44 5.96 17.24
C LYS B 43 12.62 7.47 17.03
N ALA B 44 13.33 7.85 15.95
CA ALA B 44 13.57 9.26 15.61
C ALA B 44 12.26 9.95 15.23
N LEU B 45 11.37 9.20 14.54
CA LEU B 45 10.07 9.71 14.13
C LEU B 45 9.15 9.90 15.34
N VAL B 46 9.19 8.94 16.28
CA VAL B 46 8.38 9.02 17.51
C VAL B 46 8.79 10.25 18.32
N GLU B 47 10.10 10.43 18.48
CA GLU B 47 10.68 11.56 19.23
C GLU B 47 10.39 12.92 18.60
N LYS B 48 10.35 12.98 17.27
CA LYS B 48 10.04 14.22 16.54
C LYS B 48 8.55 14.54 16.70
N ALA B 49 7.73 13.49 16.70
CA ALA B 49 6.28 13.61 16.85
C ALA B 49 5.85 13.99 18.26
N VAL B 50 6.55 13.43 19.26
CA VAL B 50 6.29 13.70 20.67
C VAL B 50 6.68 15.15 21.03
N ARG B 51 7.83 15.61 20.53
CA ARG B 51 8.33 16.98 20.77
C ARG B 51 7.40 18.02 20.13
N GLY B 52 6.90 17.69 18.95
CA GLY B 52 6.00 18.56 18.21
C GLY B 52 4.64 18.74 18.86
N LEU B 53 4.07 17.63 19.33
CA LEU B 53 2.76 17.66 20.01
C LEU B 53 2.85 18.27 21.41
N ARG B 54 4.04 18.20 22.01
CA ARG B 54 4.29 18.78 23.34
C ARG B 54 4.35 20.31 23.25
N ARG B 55 4.92 20.79 22.14
CA ARG B 55 5.02 22.24 21.86
C ARG B 55 3.66 22.79 21.48
N ALA B 56 2.82 21.92 20.90
CA ALA B 56 1.47 22.26 20.50
C ALA B 56 0.58 22.31 21.73
N ARG B 57 0.85 21.42 22.70
CA ARG B 57 0.09 21.36 23.95
C ARG B 57 0.44 22.56 24.85
N ALA B 58 1.71 22.99 24.78
CA ALA B 58 2.22 24.13 25.53
C ALA B 58 1.63 25.44 24.99
N ALA B 59 1.19 25.38 23.73
CA ALA B 59 0.59 26.51 23.03
C ALA B 59 -0.94 26.53 23.18
N GLY B 60 -1.52 25.41 23.63
CA GLY B 60 -2.96 25.36 23.83
C GLY B 60 -3.73 24.17 23.30
N VAL B 61 -3.18 23.44 22.34
CA VAL B 61 -3.84 22.26 21.73
C VAL B 61 -4.03 21.10 22.70
N ARG B 62 -5.23 20.53 22.73
CA ARG B 62 -5.55 19.40 23.60
C ARG B 62 -5.90 18.13 22.82
N THR B 63 -6.37 18.31 21.58
CA THR B 63 -6.76 17.19 20.72
C THR B 63 -6.43 17.46 19.24
N ILE B 64 -5.96 16.42 18.54
CA ILE B 64 -5.72 16.53 17.11
C ILE B 64 -6.44 15.36 16.45
N VAL B 65 -6.91 15.57 15.23
CA VAL B 65 -7.59 14.51 14.51
C VAL B 65 -6.64 14.11 13.38
N ASP B 66 -6.11 12.90 13.49
CA ASP B 66 -5.21 12.37 12.49
C ASP B 66 -6.08 11.75 11.39
N VAL B 67 -6.12 12.45 10.27
CA VAL B 67 -6.93 12.03 9.13
C VAL B 67 -6.23 11.10 8.13
N SER B 68 -5.16 10.44 8.60
CA SER B 68 -4.42 9.50 7.77
C SER B 68 -5.24 8.23 7.68
N THR B 69 -5.47 7.78 6.45
CA THR B 69 -6.24 6.58 6.19
C THR B 69 -5.28 5.43 5.98
N PHE B 70 -5.84 4.25 5.71
CA PHE B 70 -5.08 3.03 5.42
C PHE B 70 -4.01 3.31 4.35
N ASP B 71 -4.44 3.87 3.22
CA ASP B 71 -3.52 4.17 2.11
C ASP B 71 -2.61 5.37 2.31
N CYS B 72 -2.86 6.15 3.37
CA CYS B 72 -2.01 7.28 3.71
C CYS B 72 -0.99 6.78 4.76
N GLY B 73 -0.94 5.46 4.92
CA GLY B 73 0.00 4.83 5.83
C GLY B 73 -0.20 4.95 7.31
N ARG B 74 -1.44 5.16 7.70
CA ARG B 74 -1.84 5.27 9.10
C ARG B 74 -1.36 4.06 9.88
N ASP B 75 -0.59 4.34 10.93
CA ASP B 75 -0.09 3.31 11.81
C ASP B 75 -0.62 3.75 13.17
N VAL B 76 -1.77 3.21 13.56
CA VAL B 76 -2.40 3.55 14.84
C VAL B 76 -1.55 3.26 16.07
N SER B 77 -0.64 2.29 15.95
CA SER B 77 0.26 1.94 17.06
C SER B 77 1.26 3.09 17.31
N LEU B 78 1.62 3.80 16.24
CA LEU B 78 2.53 4.96 16.31
C LEU B 78 1.74 6.12 16.94
N LEU B 79 0.49 6.29 16.49
CA LEU B 79 -0.41 7.34 16.99
C LEU B 79 -0.66 7.17 18.49
N ALA B 80 -0.84 5.92 18.92
CA ALA B 80 -1.08 5.57 20.32
C ALA B 80 0.12 5.91 21.19
N GLU B 81 1.32 5.57 20.71
CA GLU B 81 2.58 5.81 21.42
C GLU B 81 2.88 7.30 21.58
N VAL B 82 2.69 8.08 20.51
CA VAL B 82 2.96 9.52 20.56
C VAL B 82 1.89 10.30 21.34
N SER B 83 0.66 9.79 21.33
CA SER B 83 -0.48 10.38 22.03
C SER B 83 -0.26 10.29 23.54
N ARG B 84 0.16 9.10 23.99
CA ARG B 84 0.42 8.82 25.40
C ARG B 84 1.63 9.57 25.93
N ALA B 85 2.67 9.65 25.10
CA ALA B 85 3.91 10.34 25.46
C ALA B 85 3.82 11.86 25.50
N ALA B 86 2.95 12.41 24.65
CA ALA B 86 2.76 13.86 24.58
C ALA B 86 1.54 14.36 25.37
N ASP B 87 0.69 13.41 25.78
CA ASP B 87 -0.55 13.66 26.54
C ASP B 87 -1.54 14.55 25.77
N VAL B 88 -1.66 14.26 24.47
CA VAL B 88 -2.55 14.97 23.55
C VAL B 88 -3.47 13.89 22.97
N HIS B 89 -4.78 14.14 22.96
CA HIS B 89 -5.75 13.17 22.41
C HIS B 89 -5.63 13.15 20.89
N ILE B 90 -5.58 11.95 20.32
CA ILE B 90 -5.50 11.78 18.87
C ILE B 90 -6.66 10.91 18.41
N VAL B 91 -7.48 11.44 17.51
CA VAL B 91 -8.62 10.71 16.96
C VAL B 91 -8.13 10.07 15.65
N ALA B 92 -8.34 8.77 15.52
CA ALA B 92 -7.94 8.01 14.35
C ALA B 92 -9.00 8.07 13.25
N ALA B 93 -8.58 7.79 12.03
CA ALA B 93 -9.47 7.82 10.89
C ALA B 93 -9.52 6.55 10.07
N THR B 94 -10.66 6.35 9.43
CA THR B 94 -10.87 5.25 8.50
C THR B 94 -11.12 5.97 7.18
N GLY B 95 -11.56 5.23 6.16
CA GLY B 95 -11.81 5.82 4.86
C GLY B 95 -10.66 5.51 3.93
N LEU B 96 -10.65 6.14 2.75
CA LEU B 96 -9.59 5.97 1.76
C LEU B 96 -9.19 7.33 1.21
N TRP B 97 -7.90 7.50 0.93
CA TRP B 97 -7.32 8.74 0.45
C TRP B 97 -7.06 8.69 -1.07
N ILE B 98 -6.05 9.41 -1.57
CA ILE B 98 -5.74 9.49 -3.00
C ILE B 98 -4.89 8.36 -3.62
N ASP B 99 -4.47 7.40 -2.79
CA ASP B 99 -3.61 6.30 -3.27
C ASP B 99 -4.08 4.87 -2.90
N PRO B 100 -5.34 4.50 -3.21
CA PRO B 100 -5.78 3.14 -2.85
C PRO B 100 -5.11 2.04 -3.70
N PRO B 101 -4.60 0.98 -3.03
CA PRO B 101 -3.95 -0.11 -3.78
C PRO B 101 -5.01 -1.00 -4.45
N LEU B 102 -4.56 -1.94 -5.29
CA LEU B 102 -5.45 -2.86 -6.02
C LEU B 102 -6.49 -3.57 -5.15
N SER B 103 -6.06 -4.00 -3.96
CA SER B 103 -6.95 -4.70 -3.04
C SER B 103 -8.08 -3.84 -2.48
N MET B 104 -7.90 -2.52 -2.57
CA MET B 104 -8.92 -1.57 -2.14
C MET B 104 -9.70 -1.06 -3.35
N ARG B 105 -8.99 -0.72 -4.44
CA ARG B 105 -9.66 -0.19 -5.63
C ARG B 105 -10.54 -1.09 -6.48
N LEU B 106 -10.48 -2.40 -6.22
CA LEU B 106 -11.31 -3.37 -6.92
C LEU B 106 -12.50 -3.81 -6.09
N ARG B 107 -12.71 -3.15 -4.95
CA ARG B 107 -13.81 -3.46 -4.04
C ARG B 107 -15.10 -2.72 -4.37
N SER B 108 -16.23 -3.34 -3.99
CA SER B 108 -17.55 -2.77 -4.21
C SER B 108 -17.91 -1.82 -3.07
N VAL B 109 -19.03 -1.11 -3.22
CA VAL B 109 -19.49 -0.18 -2.19
C VAL B 109 -19.87 -0.90 -0.89
N GLU B 110 -20.40 -2.13 -1.03
CA GLU B 110 -20.80 -2.96 0.11
C GLU B 110 -19.59 -3.44 0.91
N GLU B 111 -18.52 -3.78 0.19
CA GLU B 111 -17.27 -4.25 0.81
C GLU B 111 -16.56 -3.11 1.52
N LEU B 112 -16.53 -1.93 0.90
CA LEU B 112 -15.90 -0.75 1.49
C LEU B 112 -16.65 -0.28 2.73
N THR B 113 -17.98 -0.47 2.74
CA THR B 113 -18.83 -0.11 3.88
C THR B 113 -18.46 -1.02 5.06
N GLN B 114 -18.25 -2.31 4.77
CA GLN B 114 -17.86 -3.32 5.77
C GLN B 114 -16.49 -2.99 6.38
N PHE B 115 -15.56 -2.51 5.54
CA PHE B 115 -14.22 -2.14 6.00
C PHE B 115 -14.25 -0.91 6.91
N PHE B 116 -15.01 0.11 6.49
CA PHE B 116 -15.12 1.35 7.27
C PHE B 116 -15.81 1.10 8.61
N LEU B 117 -16.85 0.27 8.58
CA LEU B 117 -17.60 -0.09 9.79
C LEU B 117 -16.75 -0.93 10.73
N ARG B 118 -15.88 -1.78 10.16
CA ARG B 118 -14.98 -2.63 10.96
C ARG B 118 -14.01 -1.77 11.76
N GLU B 119 -13.46 -0.73 11.12
CA GLU B 119 -12.50 0.16 11.76
C GLU B 119 -13.10 1.10 12.82
N ILE B 120 -14.41 1.33 12.74
CA ILE B 120 -15.14 2.18 13.69
C ILE B 120 -15.75 1.35 14.84
N GLN B 121 -16.39 0.23 14.49
CA GLN B 121 -17.07 -0.65 15.46
C GLN B 121 -16.26 -1.73 16.17
N TYR B 122 -15.36 -2.38 15.43
CA TYR B 122 -14.51 -3.46 15.97
C TYR B 122 -13.13 -2.92 16.37
N GLY B 123 -12.45 -2.32 15.40
CA GLY B 123 -11.13 -1.77 15.64
C GLY B 123 -10.24 -1.78 14.39
N ILE B 124 -9.16 -1.01 14.45
CA ILE B 124 -8.20 -0.90 13.36
C ILE B 124 -7.14 -1.98 13.57
N GLU B 125 -6.96 -2.83 12.55
CA GLU B 125 -6.01 -3.94 12.54
C GLU B 125 -6.29 -4.86 13.75
N ASP B 126 -5.28 -5.16 14.57
CA ASP B 126 -5.46 -6.01 15.75
C ASP B 126 -5.24 -5.19 17.05
N THR B 127 -5.27 -3.87 16.91
CA THR B 127 -5.01 -2.95 18.03
C THR B 127 -6.18 -2.63 18.97
N GLY B 128 -7.41 -2.84 18.48
CA GLY B 128 -8.59 -2.55 19.28
C GLY B 128 -9.00 -1.08 19.21
N ILE B 129 -8.13 -0.26 18.60
CA ILE B 129 -8.33 1.18 18.44
C ILE B 129 -9.40 1.46 17.39
N ARG B 130 -10.44 2.18 17.80
CA ARG B 130 -11.55 2.52 16.93
C ARG B 130 -11.45 3.91 16.34
N ALA B 131 -11.84 4.02 15.07
CA ALA B 131 -11.81 5.28 14.34
C ALA B 131 -12.98 6.17 14.76
N GLY B 132 -12.71 7.47 14.83
CA GLY B 132 -13.73 8.43 15.21
C GLY B 132 -14.10 9.41 14.11
N ILE B 133 -13.51 9.20 12.92
CA ILE B 133 -13.75 10.04 11.75
C ILE B 133 -13.47 9.24 10.46
N ILE B 134 -14.18 9.59 9.38
CA ILE B 134 -14.01 8.94 8.07
C ILE B 134 -13.42 9.98 7.11
N KCX B 135 -12.26 9.65 6.51
CA KCX B 135 -11.58 10.55 5.57
CB KCX B 135 -10.08 10.58 5.92
CG KCX B 135 -9.24 11.32 4.87
CD KCX B 135 -9.60 12.80 4.76
CE KCX B 135 -8.65 13.52 3.81
NZ KCX B 135 -7.29 13.51 4.37
C KCX B 135 -11.77 10.02 4.14
O KCX B 135 -11.60 8.83 3.88
CX KCX B 135 -6.27 14.16 3.80
OQ1 KCX B 135 -6.49 14.80 2.75
OQ2 KCX B 135 -5.16 14.11 4.37
N VAL B 136 -12.23 10.88 3.23
CA VAL B 136 -12.40 10.53 1.82
C VAL B 136 -11.72 11.55 0.93
N ALA B 137 -11.57 11.23 -0.35
CA ALA B 137 -10.86 12.13 -1.27
C ALA B 137 -11.25 12.10 -2.74
N THR B 138 -11.08 13.26 -3.37
CA THR B 138 -11.29 13.48 -4.81
C THR B 138 -10.27 14.54 -5.21
N THR B 139 -9.75 14.43 -6.43
CA THR B 139 -8.78 15.39 -6.98
C THR B 139 -9.38 15.80 -8.34
N GLY B 140 -10.40 16.65 -8.27
CA GLY B 140 -11.11 17.07 -9.46
C GLY B 140 -12.33 16.18 -9.56
N LYS B 141 -12.78 15.89 -10.79
CA LYS B 141 -13.94 15.02 -11.04
C LYS B 141 -13.69 13.64 -10.43
N ALA B 142 -14.64 13.16 -9.63
CA ALA B 142 -14.55 11.86 -8.96
C ALA B 142 -14.46 10.68 -9.92
N THR B 143 -13.52 9.77 -9.65
CA THR B 143 -13.34 8.56 -10.45
C THR B 143 -14.48 7.61 -10.05
N PRO B 144 -14.84 6.59 -10.89
CA PRO B 144 -15.93 5.70 -10.48
C PRO B 144 -15.71 5.04 -9.10
N PHE B 145 -14.43 4.77 -8.78
CA PHE B 145 -14.09 4.17 -7.49
C PHE B 145 -14.29 5.17 -6.34
N GLN B 146 -13.90 6.43 -6.57
CA GLN B 146 -14.03 7.49 -5.57
C GLN B 146 -15.48 7.76 -5.20
N GLU B 147 -16.39 7.52 -6.16
CA GLU B 147 -17.83 7.69 -5.94
C GLU B 147 -18.31 6.61 -4.96
N LEU B 148 -17.77 5.39 -5.12
CA LEU B 148 -18.10 4.26 -4.25
C LEU B 148 -17.59 4.48 -2.82
N VAL B 149 -16.43 5.15 -2.70
CA VAL B 149 -15.83 5.47 -1.39
C VAL B 149 -16.70 6.49 -0.65
N LEU B 150 -17.16 7.51 -1.37
CA LEU B 150 -18.01 8.57 -0.82
C LEU B 150 -19.37 8.01 -0.36
N ARG B 151 -19.90 7.03 -1.10
CA ARG B 151 -21.18 6.38 -0.77
C ARG B 151 -21.03 5.45 0.41
N ALA B 152 -19.88 4.76 0.48
CA ALA B 152 -19.57 3.84 1.57
C ALA B 152 -19.32 4.63 2.87
N ALA B 153 -18.69 5.80 2.73
CA ALA B 153 -18.40 6.68 3.85
C ALA B 153 -19.69 7.21 4.46
N ALA B 154 -20.65 7.54 3.59
CA ALA B 154 -21.96 8.03 3.98
C ALA B 154 -22.77 6.95 4.71
N ARG B 155 -22.74 5.73 4.18
CA ARG B 155 -23.45 4.58 4.74
C ARG B 155 -22.89 4.16 6.10
N ALA B 156 -21.57 4.33 6.26
CA ALA B 156 -20.88 4.00 7.50
C ALA B 156 -21.14 5.09 8.55
N SER B 157 -21.30 6.32 8.07
CA SER B 157 -21.57 7.49 8.93
C SER B 157 -22.98 7.46 9.51
N LEU B 158 -23.95 7.04 8.70
CA LEU B 158 -25.36 6.94 9.10
C LEU B 158 -25.61 5.83 10.13
N ALA B 159 -24.81 4.77 10.02
CA ALA B 159 -24.92 3.61 10.91
C ALA B 159 -24.23 3.79 12.27
N THR B 160 -23.24 4.69 12.32
CA THR B 160 -22.47 4.93 13.57
C THR B 160 -22.57 6.33 14.16
N GLY B 161 -22.85 7.32 13.32
CA GLY B 161 -22.94 8.71 13.77
C GLY B 161 -21.61 9.44 13.64
N VAL B 162 -20.57 8.69 13.29
CA VAL B 162 -19.21 9.18 13.10
C VAL B 162 -19.14 10.12 11.88
N PRO B 163 -18.50 11.30 12.03
CA PRO B 163 -18.38 12.27 10.92
C PRO B 163 -17.51 11.87 9.72
N VAL B 164 -17.65 12.65 8.64
CA VAL B 164 -16.89 12.46 7.40
C VAL B 164 -16.14 13.74 7.10
N THR B 165 -14.88 13.60 6.70
CA THR B 165 -14.03 14.73 6.34
C THR B 165 -13.42 14.44 4.97
N THR B 166 -13.27 15.49 4.15
CA THR B 166 -12.75 15.29 2.81
C THR B 166 -11.49 16.04 2.40
N HIS B 167 -10.86 15.51 1.35
CA HIS B 167 -9.68 16.09 0.71
C HIS B 167 -10.30 16.57 -0.60
N THR B 168 -9.96 17.78 -1.01
CA THR B 168 -10.47 18.35 -2.25
C THR B 168 -9.38 19.05 -3.04
N ALA B 169 -9.71 19.32 -4.30
CA ALA B 169 -8.90 20.10 -5.23
C ALA B 169 -9.88 21.29 -5.25
N ALA B 170 -9.77 22.12 -4.22
CA ALA B 170 -10.63 23.29 -4.00
C ALA B 170 -10.85 24.23 -5.17
N SER B 171 -9.84 24.38 -6.02
CA SER B 171 -9.90 25.26 -7.20
C SER B 171 -10.84 24.70 -8.28
N GLN B 172 -11.09 23.38 -8.21
CA GLN B 172 -11.97 22.68 -9.14
C GLN B 172 -13.37 22.48 -8.55
N ARG B 173 -13.58 23.07 -7.37
CA ARG B 173 -14.85 23.02 -6.62
C ARG B 173 -15.43 21.64 -6.30
N ASP B 174 -14.54 20.71 -5.92
CA ASP B 174 -14.92 19.32 -5.59
C ASP B 174 -15.98 19.12 -4.53
N GLY B 175 -16.05 20.07 -3.59
CA GLY B 175 -17.02 20.01 -2.51
C GLY B 175 -18.47 19.89 -2.93
N GLU B 176 -18.78 20.43 -4.12
CA GLU B 176 -20.13 20.40 -4.67
C GLU B 176 -20.52 19.01 -5.17
N GLN B 177 -19.58 18.31 -5.82
CA GLN B 177 -19.83 16.96 -6.30
C GLN B 177 -19.89 15.98 -5.11
N GLN B 178 -19.02 16.21 -4.12
CA GLN B 178 -18.97 15.38 -2.91
C GLN B 178 -20.27 15.55 -2.14
N ALA B 179 -20.72 16.81 -2.03
CA ALA B 179 -21.96 17.17 -1.31
C ALA B 179 -23.20 16.52 -1.93
N ALA B 180 -23.26 16.52 -3.27
CA ALA B 180 -24.36 15.95 -4.02
C ALA B 180 -24.47 14.43 -3.83
N ILE B 181 -23.31 13.76 -3.75
CA ILE B 181 -23.23 12.32 -3.55
C ILE B 181 -23.62 11.95 -2.12
N PHE B 182 -23.17 12.74 -1.13
CA PHE B 182 -23.49 12.51 0.29
C PHE B 182 -24.98 12.67 0.55
N GLU B 183 -25.59 13.69 -0.05
CA GLU B 183 -27.03 13.94 0.11
C GLU B 183 -27.93 12.94 -0.62
N SER B 184 -27.39 12.29 -1.66
CA SER B 184 -28.12 11.27 -2.43
C SER B 184 -28.24 9.97 -1.62
N GLU B 185 -27.38 9.85 -0.59
CA GLU B 185 -27.35 8.71 0.30
C GLU B 185 -28.10 8.99 1.61
N GLY B 186 -28.60 10.22 1.75
CA GLY B 186 -29.35 10.63 2.92
C GLY B 186 -28.51 11.12 4.10
N LEU B 187 -27.26 11.48 3.84
CA LEU B 187 -26.36 11.98 4.87
C LEU B 187 -26.56 13.47 5.14
N SER B 188 -26.65 13.81 6.42
CA SER B 188 -26.84 15.17 6.88
C SER B 188 -25.55 15.99 6.70
N PRO B 189 -25.65 17.21 6.12
CA PRO B 189 -24.52 18.10 5.89
C PRO B 189 -23.70 18.47 7.12
N SER B 190 -24.35 18.41 8.29
CA SER B 190 -23.73 18.73 9.58
C SER B 190 -22.71 17.67 10.02
N ARG B 191 -22.70 16.54 9.32
CA ARG B 191 -21.78 15.43 9.61
C ARG B 191 -20.58 15.42 8.67
N VAL B 192 -20.52 16.41 7.76
CA VAL B 192 -19.44 16.48 6.78
C VAL B 192 -18.60 17.76 6.78
N CYS B 193 -17.28 17.57 6.61
CA CYS B 193 -16.35 18.67 6.50
C CYS B 193 -15.67 18.61 5.13
N ILE B 194 -15.80 19.70 4.39
CA ILE B 194 -15.19 19.83 3.07
C ILE B 194 -13.80 20.42 3.31
N GLY B 195 -12.79 19.54 3.35
CA GLY B 195 -11.42 19.96 3.61
C GLY B 195 -10.66 20.58 2.46
N HIS B 196 -9.49 21.13 2.78
CA HIS B 196 -8.58 21.84 1.84
C HIS B 196 -9.27 23.02 1.17
N SER B 197 -10.30 23.54 1.84
CA SER B 197 -11.11 24.65 1.37
C SER B 197 -10.41 26.01 1.36
N ASP B 198 -9.24 26.09 2.02
CA ASP B 198 -8.47 27.32 2.06
C ASP B 198 -7.49 27.43 0.89
N ASP B 199 -7.55 26.45 -0.03
CA ASP B 199 -6.71 26.43 -1.23
C ASP B 199 -7.33 27.27 -2.34
N THR B 200 -8.48 27.88 -2.04
CA THR B 200 -9.21 28.72 -2.99
C THR B 200 -9.65 30.04 -2.35
N ASP B 201 -9.84 31.04 -3.20
CA ASP B 201 -10.28 32.37 -2.78
C ASP B 201 -11.73 32.61 -3.18
N ASP B 202 -12.36 31.57 -3.75
CA ASP B 202 -13.76 31.64 -4.21
C ASP B 202 -14.69 31.53 -3.00
N LEU B 203 -15.02 32.69 -2.44
CA LEU B 203 -15.89 32.82 -1.28
C LEU B 203 -17.34 32.38 -1.54
N SER B 204 -17.80 32.50 -2.78
CA SER B 204 -19.16 32.12 -3.18
C SER B 204 -19.37 30.61 -3.04
N TYR B 205 -18.33 29.86 -3.38
CA TYR B 205 -18.30 28.39 -3.29
C TYR B 205 -18.35 27.95 -1.82
N LEU B 206 -17.54 28.61 -0.99
CA LEU B 206 -17.44 28.32 0.44
C LEU B 206 -18.70 28.66 1.24
N THR B 207 -19.27 29.85 0.99
CA THR B 207 -20.48 30.30 1.68
C THR B 207 -21.74 29.50 1.35
N ALA B 208 -21.79 28.98 0.12
CA ALA B 208 -22.93 28.19 -0.33
C ALA B 208 -22.97 26.82 0.33
N LEU B 209 -21.79 26.22 0.52
CA LEU B 209 -21.67 24.92 1.19
C LEU B 209 -21.98 25.09 2.67
N ALA B 210 -21.51 26.20 3.24
CA ALA B 210 -21.72 26.55 4.65
C ALA B 210 -23.20 26.80 4.96
N ALA B 211 -23.92 27.34 3.97
CA ALA B 211 -25.35 27.65 4.09
C ALA B 211 -26.22 26.39 4.14
N ARG B 212 -25.70 25.31 3.56
CA ARG B 212 -26.39 24.02 3.53
C ARG B 212 -26.15 23.20 4.80
N GLY B 213 -25.22 23.68 5.63
CA GLY B 213 -24.90 23.01 6.88
C GLY B 213 -23.54 22.32 6.92
N TYR B 214 -22.78 22.41 5.84
CA TYR B 214 -21.44 21.80 5.75
C TYR B 214 -20.40 22.56 6.54
N LEU B 215 -19.48 21.81 7.14
CA LEU B 215 -18.38 22.40 7.87
C LEU B 215 -17.27 22.65 6.85
N ILE B 216 -16.70 23.84 6.91
CA ILE B 216 -15.66 24.28 6.00
C ILE B 216 -14.27 24.06 6.60
N GLY B 217 -13.52 23.15 5.99
CA GLY B 217 -12.19 22.83 6.46
C GLY B 217 -11.09 23.73 5.93
N LEU B 218 -10.80 24.78 6.68
CA LEU B 218 -9.74 25.73 6.35
C LEU B 218 -8.52 25.18 7.09
N ASP B 219 -8.04 24.07 6.54
CA ASP B 219 -6.96 23.28 7.12
C ASP B 219 -5.50 23.38 6.69
N GLY B 220 -5.17 24.22 5.71
CA GLY B 220 -3.78 24.31 5.28
C GLY B 220 -3.19 25.69 5.43
N ILE B 221 -3.48 26.36 6.55
CA ILE B 221 -3.02 27.72 6.82
C ILE B 221 -1.49 28.00 6.69
N PRO B 222 -0.60 27.16 7.29
CA PRO B 222 0.84 27.46 7.15
C PRO B 222 1.50 27.14 5.81
N TRP B 223 0.75 26.51 4.90
CA TRP B 223 1.25 26.12 3.58
C TRP B 223 1.42 27.28 2.59
N SER B 224 2.67 27.74 2.45
CA SER B 224 3.07 28.84 1.57
C SER B 224 4.50 28.65 1.07
N ALA B 225 4.77 29.03 -0.18
CA ALA B 225 6.10 28.89 -0.79
C ALA B 225 6.78 30.21 -1.16
N ILE B 226 6.34 31.31 -0.55
CA ILE B 226 6.90 32.64 -0.81
C ILE B 226 8.24 32.84 -0.09
N ASN B 231 11.86 26.29 -6.37
CA ASN B 231 11.70 24.88 -6.08
C ASN B 231 10.35 24.41 -6.63
N ALA B 232 10.39 23.67 -7.74
CA ALA B 232 9.17 23.18 -8.42
C ALA B 232 8.33 22.20 -7.61
N SER B 233 9.00 21.32 -6.87
CA SER B 233 8.33 20.33 -6.05
C SER B 233 7.65 20.91 -4.83
N ALA B 234 8.29 21.90 -4.22
CA ALA B 234 7.79 22.58 -3.03
C ALA B 234 6.66 23.56 -3.37
N SER B 235 6.73 24.18 -4.54
CA SER B 235 5.71 25.16 -5.00
C SER B 235 4.39 24.51 -5.39
N ALA B 236 4.46 23.28 -5.91
CA ALA B 236 3.29 22.51 -6.35
C ALA B 236 2.42 22.00 -5.20
N ILE B 237 2.99 21.88 -4.00
CA ILE B 237 2.27 21.39 -2.84
C ILE B 237 1.90 22.49 -1.81
N LEU B 238 2.81 23.47 -1.65
CA LEU B 238 2.62 24.57 -0.71
C LEU B 238 1.73 25.68 -1.25
N GLY B 239 1.85 25.97 -2.54
CA GLY B 239 1.07 27.02 -3.18
C GLY B 239 1.79 28.36 -3.13
N ASN B 240 1.32 29.31 -3.92
CA ASN B 240 1.94 30.65 -3.96
C ASN B 240 1.18 31.71 -3.16
N ARG B 241 0.17 31.26 -2.41
CA ARG B 241 -0.63 32.15 -1.55
C ARG B 241 -0.11 32.13 -0.12
N SER B 242 0.01 33.32 0.47
CA SER B 242 0.52 33.50 1.83
C SER B 242 -0.40 32.93 2.92
N TRP B 243 0.13 32.78 4.14
CA TRP B 243 -0.65 32.25 5.26
C TRP B 243 -1.74 33.22 5.68
N GLN B 244 -1.49 34.52 5.45
CA GLN B 244 -2.42 35.59 5.77
C GLN B 244 -3.66 35.53 4.89
N THR B 245 -3.45 35.23 3.60
CA THR B 245 -4.53 35.11 2.60
C THR B 245 -5.46 33.94 2.97
N ARG B 246 -4.87 32.83 3.43
CA ARG B 246 -5.61 31.64 3.84
C ARG B 246 -6.33 31.91 5.16
N ALA B 247 -5.68 32.65 6.05
CA ALA B 247 -6.22 32.99 7.37
C ALA B 247 -7.34 34.03 7.32
N LEU B 248 -7.34 34.86 6.28
CA LEU B 248 -8.39 35.90 6.10
C LEU B 248 -9.73 35.31 5.69
N LEU B 249 -9.70 34.04 5.28
CA LEU B 249 -10.89 33.31 4.87
C LEU B 249 -11.72 32.88 6.09
N ILE B 250 -11.05 32.84 7.25
CA ILE B 250 -11.71 32.49 8.51
C ILE B 250 -12.54 33.73 8.92
N LYS B 251 -11.94 34.91 8.75
CA LYS B 251 -12.55 36.20 9.05
C LYS B 251 -13.72 36.47 8.10
N ALA B 252 -13.52 36.16 6.82
CA ALA B 252 -14.54 36.35 5.77
C ALA B 252 -15.81 35.52 5.97
N LEU B 253 -15.65 34.31 6.51
CA LEU B 253 -16.79 33.43 6.76
C LEU B 253 -17.52 33.79 8.06
N ILE B 254 -16.81 34.41 9.02
CA ILE B 254 -17.41 34.84 10.29
C ILE B 254 -18.28 36.08 10.01
N ASP B 255 -17.74 36.99 9.19
CA ASP B 255 -18.41 38.23 8.80
C ASP B 255 -19.72 38.03 8.03
N GLN B 256 -19.83 36.86 7.37
CA GLN B 256 -21.03 36.51 6.61
C GLN B 256 -22.00 35.62 7.39
N GLY B 257 -21.72 35.46 8.69
CA GLY B 257 -22.57 34.69 9.60
C GLY B 257 -22.40 33.19 9.66
N TYR B 258 -21.23 32.68 9.28
CA TYR B 258 -20.98 31.24 9.29
C TYR B 258 -19.83 30.83 10.22
N MET B 259 -19.84 31.37 11.45
CA MET B 259 -18.81 31.06 12.45
C MET B 259 -18.91 29.62 12.99
N LYS B 260 -20.13 29.09 12.94
CA LYS B 260 -20.43 27.73 13.41
C LYS B 260 -20.04 26.65 12.41
N GLN B 261 -19.74 27.06 11.17
CA GLN B 261 -19.37 26.12 10.10
C GLN B 261 -17.87 26.10 9.80
N ILE B 262 -17.05 26.73 10.63
CA ILE B 262 -15.60 26.78 10.40
C ILE B 262 -14.79 25.79 11.26
N LEU B 263 -13.86 25.11 10.59
CA LEU B 263 -12.94 24.17 11.23
C LEU B 263 -11.54 24.52 10.74
N VAL B 264 -10.67 24.90 11.67
CA VAL B 264 -9.30 25.29 11.35
C VAL B 264 -8.30 24.21 11.78
N SER B 265 -7.22 24.09 11.01
CA SER B 265 -6.14 23.13 11.26
C SER B 265 -4.89 23.51 10.47
N ASN B 266 -3.82 22.72 10.62
CA ASN B 266 -2.54 22.99 9.95
C ASN B 266 -2.21 22.06 8.79
N ASP B 267 -2.77 20.84 8.82
CA ASP B 267 -2.53 19.75 7.86
C ASP B 267 -1.04 19.45 7.92
N TRP B 268 -0.52 19.48 9.14
CA TRP B 268 0.90 19.25 9.37
C TRP B 268 1.23 17.78 9.54
N THR B 269 2.52 17.47 9.50
CA THR B 269 3.04 16.12 9.66
C THR B 269 4.45 16.15 10.22
N PHE B 270 4.94 14.98 10.64
CA PHE B 270 6.30 14.85 11.19
C PHE B 270 7.15 13.94 10.31
N GLY B 271 6.45 13.09 9.55
CA GLY B 271 7.09 12.18 8.61
C GLY B 271 6.32 12.35 7.32
N PHE B 272 7.01 12.33 6.19
CA PHE B 272 6.34 12.51 4.89
C PHE B 272 7.06 11.71 3.81
N SER B 273 6.52 10.54 3.48
CA SER B 273 7.12 9.71 2.44
C SER B 273 6.36 9.69 1.14
N SER B 274 5.09 10.12 1.18
CA SER B 274 4.23 10.15 0.01
C SER B 274 4.46 11.36 -0.92
N TYR B 275 5.64 11.95 -0.80
CA TYR B 275 6.07 13.08 -1.63
C TYR B 275 7.59 12.95 -1.80
N VAL B 276 8.24 13.99 -2.36
CA VAL B 276 9.69 13.99 -2.60
C VAL B 276 10.52 13.82 -1.32
N THR B 277 11.69 13.21 -1.46
CA THR B 277 12.63 12.90 -0.38
C THR B 277 12.80 13.86 0.81
N ASN B 278 13.38 15.04 0.58
CA ASN B 278 13.61 15.98 1.66
C ASN B 278 12.57 17.10 1.80
N ILE B 279 11.29 16.73 1.67
CA ILE B 279 10.19 17.70 1.79
C ILE B 279 9.96 18.12 3.24
N MET B 280 10.31 17.23 4.17
CA MET B 280 10.15 17.49 5.61
C MET B 280 11.11 18.58 6.10
N ASP B 281 12.28 18.65 5.47
CA ASP B 281 13.31 19.63 5.78
C ASP B 281 12.92 21.01 5.25
N VAL B 282 12.19 21.02 4.14
CA VAL B 282 11.71 22.25 3.50
C VAL B 282 10.50 22.78 4.28
N LEU B 283 9.61 21.87 4.69
CA LEU B 283 8.41 22.20 5.45
C LEU B 283 8.68 22.77 6.84
N ASP B 284 9.67 22.21 7.55
CA ASP B 284 10.02 22.65 8.89
C ASP B 284 10.74 24.01 8.93
N ARG B 285 11.17 24.49 7.76
CA ARG B 285 11.84 25.80 7.64
C ARG B 285 10.82 26.87 7.31
N VAL B 286 9.73 26.48 6.63
CA VAL B 286 8.63 27.36 6.24
C VAL B 286 7.78 27.64 7.48
N ASN B 287 7.58 26.60 8.29
CA ASN B 287 6.81 26.68 9.51
C ASN B 287 7.50 25.87 10.63
N PRO B 288 8.40 26.53 11.41
CA PRO B 288 9.10 25.85 12.50
C PRO B 288 8.22 25.63 13.75
N ASP B 289 7.06 26.29 13.75
CA ASP B 289 6.07 26.20 14.83
C ASP B 289 5.28 24.90 14.72
N GLY B 290 5.18 24.38 13.49
CA GLY B 290 4.48 23.13 13.22
C GLY B 290 2.97 23.18 13.44
N MET B 291 2.50 22.32 14.32
CA MET B 291 1.07 22.23 14.68
C MET B 291 0.67 23.37 15.61
N ALA B 292 1.67 24.03 16.19
CA ALA B 292 1.48 25.15 17.10
C ALA B 292 1.28 26.47 16.34
N PHE B 293 1.12 26.40 15.01
CA PHE B 293 0.94 27.57 14.16
C PHE B 293 -0.45 28.22 14.35
N ILE B 294 -1.48 27.43 14.61
CA ILE B 294 -2.83 27.97 14.81
C ILE B 294 -2.98 28.79 16.14
N PRO B 295 -2.53 28.26 17.30
CA PRO B 295 -2.71 29.11 18.50
C PRO B 295 -1.65 30.22 18.70
N LEU B 296 -0.46 30.03 18.14
CA LEU B 296 0.64 31.01 18.28
C LEU B 296 0.70 32.12 17.23
N ARG B 297 0.46 31.79 15.97
CA ARG B 297 0.53 32.78 14.88
C ARG B 297 -0.77 33.21 14.21
N VAL B 298 -1.76 32.30 14.14
CA VAL B 298 -3.05 32.62 13.49
C VAL B 298 -4.07 33.30 14.40
N ILE B 299 -4.20 32.83 15.64
CA ILE B 299 -5.14 33.43 16.60
C ILE B 299 -4.78 34.89 17.00
N PRO B 300 -3.48 35.21 17.27
CA PRO B 300 -3.16 36.60 17.62
C PRO B 300 -3.25 37.55 16.41
N PHE B 301 -3.18 36.97 15.21
CA PHE B 301 -3.28 37.70 13.93
C PHE B 301 -4.71 38.18 13.72
N LEU B 302 -5.67 37.27 13.93
CA LEU B 302 -7.09 37.55 13.78
C LEU B 302 -7.59 38.53 14.85
N ARG B 303 -6.91 38.57 16.00
CA ARG B 303 -7.22 39.47 17.11
C ARG B 303 -6.82 40.90 16.74
N GLU B 304 -5.75 41.03 15.96
CA GLU B 304 -5.22 42.31 15.48
C GLU B 304 -6.08 42.87 14.35
N LYS B 305 -6.82 41.97 13.68
CA LYS B 305 -7.71 42.32 12.58
C LYS B 305 -9.13 42.65 13.05
N GLY B 306 -9.40 42.41 14.34
CA GLY B 306 -10.69 42.72 14.93
C GLY B 306 -11.64 41.60 15.30
N VAL B 307 -11.22 40.34 15.12
CA VAL B 307 -12.06 39.17 15.45
C VAL B 307 -12.02 38.89 16.97
N PRO B 308 -13.19 38.82 17.66
CA PRO B 308 -13.26 38.55 19.10
C PRO B 308 -12.70 37.19 19.54
N GLN B 309 -12.35 37.09 20.83
CA GLN B 309 -11.78 35.87 21.40
C GLN B 309 -12.81 34.74 21.63
N GLU B 310 -14.06 35.12 21.91
CA GLU B 310 -15.12 34.15 22.17
C GLU B 310 -15.59 33.37 20.92
N THR B 311 -15.52 34.00 19.75
CA THR B 311 -15.91 33.36 18.50
C THR B 311 -14.78 32.45 18.00
N LEU B 312 -13.54 32.80 18.34
CA LEU B 312 -12.34 32.01 17.98
C LEU B 312 -12.27 30.78 18.86
N ALA B 313 -12.82 30.89 20.07
CA ALA B 313 -12.88 29.81 21.04
C ALA B 313 -14.05 28.90 20.66
N GLY B 314 -15.00 29.46 19.91
CA GLY B 314 -16.17 28.73 19.45
C GLY B 314 -15.83 27.88 18.23
N ILE B 315 -14.83 28.32 17.47
CA ILE B 315 -14.36 27.64 16.26
C ILE B 315 -13.41 26.48 16.62
N THR B 316 -12.57 26.72 17.63
CA THR B 316 -11.58 25.73 18.07
C THR B 316 -12.05 24.70 19.10
N VAL B 317 -13.09 25.03 19.88
CA VAL B 317 -13.61 24.12 20.90
C VAL B 317 -15.04 23.60 20.62
N THR B 318 -16.01 24.50 20.46
CA THR B 318 -17.41 24.14 20.23
C THR B 318 -17.71 23.44 18.90
N ASN B 319 -17.19 23.97 17.79
CA ASN B 319 -17.41 23.38 16.46
C ASN B 319 -16.86 21.95 16.29
N PRO B 320 -15.60 21.66 16.70
CA PRO B 320 -15.09 20.29 16.55
C PRO B 320 -15.79 19.29 17.47
N ALA B 321 -16.22 19.78 18.64
CA ALA B 321 -16.94 18.97 19.63
C ALA B 321 -18.28 18.47 19.09
N ARG B 322 -19.00 19.37 18.41
CA ARG B 322 -20.31 19.09 17.82
C ARG B 322 -20.16 18.20 16.58
N PHE B 323 -19.06 18.41 15.85
CA PHE B 323 -18.71 17.67 14.64
C PHE B 323 -18.28 16.23 14.96
N LEU B 324 -17.36 16.06 15.90
CA LEU B 324 -16.86 14.74 16.31
C LEU B 324 -17.81 13.91 17.16
N SER B 325 -18.83 14.55 17.73
CA SER B 325 -19.84 13.88 18.57
C SER B 325 -20.72 12.97 17.72
N PRO B 326 -20.80 11.65 18.07
CA PRO B 326 -21.63 10.70 17.32
C PRO B 326 -23.14 10.97 17.37
N THR B 327 -23.65 11.50 16.25
CA THR B 327 -25.08 11.83 16.12
C THR B 327 -25.60 11.52 14.70
N1 IMD C . 1.85 -3.09 9.51
C2 IMD C . 2.08 -3.78 10.62
N3 IMD C . 2.11 -5.07 10.30
C4 IMD C . 1.88 -5.20 8.94
C5 IMD C . 1.73 -3.95 8.46
O4 DPF D . 2.01 -13.45 -10.83
P1 DPF D . 1.06 -12.32 -10.93
O2 DPF D . 1.58 -11.01 -11.37
O3 DPF D . 0.36 -12.09 -9.50
C1 DPF D . 0.11 -13.20 -8.63
C4 DPF D . -0.50 -12.73 -7.31
O1 DPF D . -0.17 -12.76 -11.87
C2 DPF D . -0.69 -14.09 -11.76
C3 DPF D . -1.53 -14.45 -12.99
CO CO E . 3.35 -11.65 -12.33
CO CO F . 3.27 -14.26 -9.45
O4 DPF G . -3.40 15.10 1.23
P1 DPF G . -2.52 15.79 2.20
O2 DPF G . -3.14 16.65 3.22
O3 DPF G . -1.63 14.67 2.94
C1 DPF G . -0.36 15.01 3.49
C4 DPF G . -0.46 16.28 4.34
O1 DPF G . -1.41 16.63 1.38
C2 DPF G . -1.74 17.88 0.76
C3 DPF G . -1.78 19.02 1.77
CO CO H . -4.11 15.90 5.18
CO CO I . -5.41 16.03 1.65
#